data_1QMH
#
_entry.id   1QMH
#
_cell.length_a   125.800
_cell.length_b   133.500
_cell.length_c   51.000
_cell.angle_alpha   90.00
_cell.angle_beta   90.00
_cell.angle_gamma   90.00
#
_symmetry.space_group_name_H-M   'P 21 21 2'
#
loop_
_entity.id
_entity.type
_entity.pdbx_description
1 polymer "RNA 3'-TERMINAL PHOSPHATE CYCLASE"
2 non-polymer 'CITRIC ACID'
3 non-polymer 1-HYDROXYSULFANYL-4-MERCAPTO-BUTANE-2,3-DIOL
4 water water
#
_entity_poly.entity_id   1
_entity_poly.type   'polypeptide(L)'
_entity_poly.pdbx_seq_one_letter_code
;MVKRMIALDGAQGEGGGQILRSALSLSMITGQPFTITSIRAGRAKPGLLRQHLTAVKAATEICGATVEGAELGSQRLLFR
PGTVRGGDYRFAIGSAGSCTLVLQTVLPALWFADGPSRVEVSGGTDNPSAPPADFIRRVLEPLLAKIGIHQQTTLLRHGF
YPAGGGVVATEVSPVASFNTLQLGERGNIVQMRGEVLLAGVPRHVAEREIATLAGSFSLHEQNIHNLPRDQGPGNTVSLE
VESENITERFFVVGEKRVSAEVVAAQLVKEVKRYLASTAAVGEYLADQLVLPMALAGAGEFTVAHPSCHLLTNIAVVERF
LPVRFSLIETDGVTRVSIEGSHHHHHH
;
_entity_poly.pdbx_strand_id   A,B
#
# COMPACT_ATOMS: atom_id res chain seq x y z
N MET A 5 -11.00 1.23 -23.41
CA MET A 5 -11.04 2.19 -22.28
C MET A 5 -11.01 1.55 -20.88
N ILE A 6 -9.82 1.56 -20.32
CA ILE A 6 -9.55 1.11 -18.95
C ILE A 6 -10.04 2.17 -17.97
N ALA A 7 -10.75 1.79 -16.93
CA ALA A 7 -11.25 2.67 -15.89
C ALA A 7 -10.39 2.44 -14.64
N LEU A 8 -9.60 3.44 -14.22
CA LEU A 8 -8.73 3.14 -13.07
C LEU A 8 -9.20 3.75 -11.77
N ASP A 9 -9.14 3.01 -10.70
CA ASP A 9 -9.46 3.67 -9.42
C ASP A 9 -8.14 4.18 -8.88
N GLY A 10 -7.90 5.47 -8.78
CA GLY A 10 -6.72 6.09 -8.21
C GLY A 10 -6.56 5.91 -6.71
N ALA A 11 -7.54 5.25 -6.11
CA ALA A 11 -7.47 4.97 -4.67
C ALA A 11 -7.07 3.52 -4.42
N GLN A 12 -6.51 2.80 -5.37
CA GLN A 12 -5.97 1.47 -5.11
C GLN A 12 -4.54 1.67 -4.54
N GLY A 13 -4.08 0.64 -3.82
CA GLY A 13 -2.76 0.56 -3.22
C GLY A 13 -2.43 1.69 -2.26
N GLU A 14 -1.32 2.38 -2.49
CA GLU A 14 -0.94 3.51 -1.65
C GLU A 14 -1.74 4.73 -2.06
N GLY A 15 -2.30 4.69 -3.25
CA GLY A 15 -3.19 5.68 -3.81
C GLY A 15 -2.67 7.08 -4.11
N GLY A 16 -1.55 7.19 -4.81
CA GLY A 16 -1.00 8.50 -5.16
C GLY A 16 -0.64 8.61 -6.63
N GLY A 17 0.47 9.31 -6.88
CA GLY A 17 0.96 9.62 -8.19
C GLY A 17 1.47 8.45 -9.00
N GLN A 18 2.04 7.44 -8.38
CA GLN A 18 2.50 6.23 -9.08
C GLN A 18 1.45 5.63 -10.04
N ILE A 19 0.21 5.46 -9.64
CA ILE A 19 -0.86 4.96 -10.46
C ILE A 19 -0.95 5.76 -11.76
N LEU A 20 -1.07 7.06 -11.66
CA LEU A 20 -1.17 7.95 -12.78
C LEU A 20 0.03 7.85 -13.68
N ARG A 21 1.28 7.86 -13.16
CA ARG A 21 2.43 7.85 -14.09
C ARG A 21 2.54 6.53 -14.83
N SER A 22 2.31 5.39 -14.20
CA SER A 22 2.43 4.10 -14.75
C SER A 22 1.34 3.95 -15.89
N ALA A 23 0.14 4.47 -15.63
CA ALA A 23 -0.95 4.34 -16.61
C ALA A 23 -0.67 5.18 -17.81
N LEU A 24 -0.12 6.39 -17.58
CA LEU A 24 0.21 7.30 -18.63
C LEU A 24 1.20 6.54 -19.53
N SER A 25 2.21 5.90 -18.93
CA SER A 25 3.17 5.19 -19.72
C SER A 25 2.55 4.03 -20.55
N LEU A 26 1.81 3.19 -19.88
CA LEU A 26 1.16 2.01 -20.46
C LEU A 26 0.11 2.41 -21.54
N SER A 27 -0.63 3.46 -21.31
CA SER A 27 -1.55 3.99 -22.29
C SER A 27 -0.78 4.34 -23.56
N MET A 28 0.30 5.14 -23.46
CA MET A 28 1.13 5.45 -24.60
C MET A 28 1.70 4.24 -25.33
N ILE A 29 2.18 3.23 -24.68
CA ILE A 29 2.75 2.07 -25.30
C ILE A 29 1.72 1.19 -26.07
N THR A 30 0.59 0.98 -25.47
CA THR A 30 -0.44 0.10 -25.88
C THR A 30 -1.48 0.83 -26.75
N GLY A 31 -1.65 2.14 -26.67
CA GLY A 31 -2.57 2.93 -27.40
C GLY A 31 -3.95 2.90 -26.76
N GLN A 32 -4.11 2.12 -25.71
CA GLN A 32 -5.36 2.07 -24.94
C GLN A 32 -5.60 3.32 -24.10
N PRO A 33 -6.71 4.01 -24.27
CA PRO A 33 -7.05 5.21 -23.52
C PRO A 33 -7.50 4.83 -22.12
N PHE A 34 -7.56 5.83 -21.21
CA PHE A 34 -7.99 5.45 -19.85
C PHE A 34 -8.53 6.64 -19.11
N THR A 35 -9.31 6.25 -18.12
CA THR A 35 -9.90 7.26 -17.22
C THR A 35 -9.52 6.85 -15.80
N ILE A 36 -9.13 7.85 -15.00
CA ILE A 36 -8.70 7.43 -13.63
C ILE A 36 -9.49 8.32 -12.73
N THR A 37 -10.00 7.84 -11.62
CA THR A 37 -10.76 8.65 -10.68
C THR A 37 -10.17 8.55 -9.26
N SER A 38 -10.60 9.48 -8.41
CA SER A 38 -10.03 9.59 -7.05
C SER A 38 -8.51 9.68 -7.03
N ILE A 39 -7.99 10.57 -7.84
CA ILE A 39 -6.56 10.77 -7.95
C ILE A 39 -6.12 11.35 -6.60
N ARG A 40 -5.31 10.65 -5.85
CA ARG A 40 -4.78 11.13 -4.59
C ARG A 40 -5.91 11.69 -3.72
N ALA A 41 -6.99 10.96 -3.49
CA ALA A 41 -8.12 11.52 -2.74
C ALA A 41 -7.88 11.76 -1.25
N GLY A 42 -6.98 11.05 -0.57
CA GLY A 42 -6.78 11.29 0.84
C GLY A 42 -5.67 12.22 1.28
N ARG A 43 -4.85 12.67 0.35
CA ARG A 43 -3.69 13.51 0.57
C ARG A 43 -4.01 14.95 0.94
N ALA A 44 -3.08 15.57 1.68
CA ALA A 44 -3.26 16.97 2.09
C ALA A 44 -3.81 17.80 0.94
N LYS A 45 -3.16 17.85 -0.21
CA LYS A 45 -3.71 18.63 -1.35
C LYS A 45 -4.11 17.58 -2.39
N PRO A 46 -5.40 17.28 -2.49
CA PRO A 46 -5.88 16.20 -3.30
C PRO A 46 -6.06 16.44 -4.77
N GLY A 47 -5.92 15.39 -5.59
CA GLY A 47 -6.10 15.56 -7.03
C GLY A 47 -4.73 15.85 -7.64
N LEU A 48 -4.74 16.27 -8.89
CA LEU A 48 -3.54 16.59 -9.64
C LEU A 48 -2.86 17.85 -9.13
N LEU A 49 -1.61 17.73 -8.71
CA LEU A 49 -0.86 18.94 -8.28
C LEU A 49 -0.07 19.41 -9.48
N ARG A 50 0.72 20.48 -9.35
CA ARG A 50 1.44 21.01 -10.51
C ARG A 50 2.41 20.03 -11.15
N GLN A 51 3.09 19.16 -10.41
CA GLN A 51 4.04 18.20 -10.91
C GLN A 51 3.32 17.12 -11.73
N HIS A 52 2.21 16.62 -11.27
CA HIS A 52 1.36 15.69 -12.04
C HIS A 52 0.95 16.37 -13.35
N LEU A 53 0.54 17.64 -13.29
CA LEU A 53 0.14 18.35 -14.48
C LEU A 53 1.31 18.36 -15.46
N THR A 54 2.53 18.56 -14.97
CA THR A 54 3.69 18.59 -15.83
C THR A 54 3.90 17.25 -16.49
N ALA A 55 3.81 16.17 -15.77
CA ALA A 55 3.91 14.83 -16.28
C ALA A 55 2.79 14.61 -17.32
N VAL A 56 1.57 14.99 -17.04
CA VAL A 56 0.52 14.76 -18.05
C VAL A 56 0.77 15.56 -19.33
N LYS A 57 1.26 16.79 -19.27
CA LYS A 57 1.51 17.54 -20.49
C LYS A 57 2.66 17.03 -21.34
N ALA A 58 3.66 16.46 -20.63
CA ALA A 58 4.80 15.94 -21.31
C ALA A 58 4.32 14.70 -22.13
N ALA A 59 3.51 13.88 -21.51
CA ALA A 59 3.00 12.68 -22.12
C ALA A 59 2.19 13.07 -23.37
N THR A 60 1.27 13.98 -23.21
CA THR A 60 0.41 14.58 -24.17
C THR A 60 1.22 15.01 -25.38
N GLU A 61 2.29 15.72 -25.13
CA GLU A 61 3.16 16.21 -26.19
C GLU A 61 3.87 15.08 -26.89
N ILE A 62 4.37 14.01 -26.24
CA ILE A 62 5.09 13.03 -26.99
C ILE A 62 4.11 12.14 -27.81
N CYS A 63 2.84 12.09 -27.58
CA CYS A 63 1.97 11.19 -28.31
C CYS A 63 0.69 11.80 -28.91
N GLY A 64 0.61 13.08 -28.91
CA GLY A 64 -0.50 13.91 -29.31
C GLY A 64 -1.77 13.48 -28.62
N ALA A 65 -1.82 13.25 -27.28
CA ALA A 65 -3.07 12.81 -26.69
C ALA A 65 -4.19 13.82 -26.70
N THR A 66 -5.39 13.34 -26.38
CA THR A 66 -6.49 14.27 -26.17
C THR A 66 -6.78 14.05 -24.67
N VAL A 67 -6.95 15.08 -23.89
CA VAL A 67 -7.08 14.96 -22.45
C VAL A 67 -8.25 15.70 -21.87
N GLU A 68 -8.89 15.19 -20.82
CA GLU A 68 -9.92 15.88 -20.08
C GLU A 68 -9.59 15.68 -18.59
N GLY A 69 -9.77 16.75 -17.83
CA GLY A 69 -9.53 16.76 -16.41
C GLY A 69 -8.12 17.19 -16.04
N ALA A 70 -7.25 17.56 -16.97
CA ALA A 70 -5.90 17.96 -16.59
C ALA A 70 -5.85 19.36 -15.95
N GLU A 71 -6.36 19.56 -14.75
CA GLU A 71 -6.39 20.79 -14.02
C GLU A 71 -6.00 20.61 -12.55
N LEU A 72 -5.34 21.55 -11.89
CA LEU A 72 -4.97 21.49 -10.48
C LEU A 72 -6.04 20.99 -9.52
N GLY A 73 -5.88 20.02 -8.63
CA GLY A 73 -6.95 19.55 -7.76
C GLY A 73 -7.93 18.62 -8.47
N SER A 74 -7.90 18.49 -9.81
CA SER A 74 -8.78 17.53 -10.44
C SER A 74 -8.52 16.12 -9.95
N GLN A 75 -9.59 15.38 -9.71
CA GLN A 75 -9.57 14.00 -9.26
C GLN A 75 -9.96 13.01 -10.36
N ARG A 76 -10.38 13.57 -11.49
CA ARG A 76 -10.72 12.70 -12.62
C ARG A 76 -9.79 13.00 -13.77
N LEU A 77 -9.37 12.05 -14.60
CA LEU A 77 -8.57 12.38 -15.78
C LEU A 77 -8.95 11.41 -16.91
N LEU A 78 -9.06 11.83 -18.15
CA LEU A 78 -9.31 10.90 -19.23
C LEU A 78 -8.18 11.03 -20.22
N PHE A 79 -7.50 9.97 -20.64
CA PHE A 79 -6.33 10.26 -21.49
C PHE A 79 -6.48 9.33 -22.69
N ARG A 80 -6.35 9.85 -23.83
CA ARG A 80 -6.52 9.15 -25.11
C ARG A 80 -5.25 9.46 -25.90
N PRO A 81 -4.33 8.51 -25.87
CA PRO A 81 -3.07 8.71 -26.57
C PRO A 81 -3.18 8.61 -28.10
N GLY A 82 -2.19 9.24 -28.76
CA GLY A 82 -2.08 9.07 -30.21
C GLY A 82 -0.76 8.29 -30.36
N THR A 83 -0.23 8.49 -31.56
CA THR A 83 0.97 7.82 -31.95
C THR A 83 2.16 8.40 -31.19
N VAL A 84 3.05 7.52 -30.72
CA VAL A 84 4.24 8.05 -30.03
C VAL A 84 5.29 8.51 -31.03
N ARG A 85 5.74 9.77 -30.92
CA ARG A 85 6.76 10.24 -31.81
C ARG A 85 8.13 10.49 -31.17
N GLY A 86 9.17 10.40 -31.95
CA GLY A 86 10.52 10.65 -31.60
C GLY A 86 10.78 12.16 -31.69
N GLY A 87 12.06 12.48 -31.64
CA GLY A 87 12.44 13.90 -31.72
C GLY A 87 13.02 14.49 -30.41
N ASP A 88 13.37 15.77 -30.45
CA ASP A 88 14.05 16.46 -29.36
C ASP A 88 13.07 17.07 -28.39
N TYR A 89 12.90 16.48 -27.22
CA TYR A 89 11.87 17.11 -26.30
C TYR A 89 12.61 17.82 -25.13
N ARG A 90 12.09 18.94 -24.71
CA ARG A 90 12.68 19.72 -23.58
C ARG A 90 11.52 20.04 -22.64
N PHE A 91 11.52 19.56 -21.41
CA PHE A 91 10.49 19.93 -20.44
C PHE A 91 11.02 20.73 -19.23
N ALA A 92 10.18 21.58 -18.64
CA ALA A 92 10.70 22.33 -17.45
C ALA A 92 9.81 21.99 -16.29
N ILE A 93 10.29 21.33 -15.25
CA ILE A 93 9.38 20.97 -14.14
C ILE A 93 9.61 22.01 -13.03
N GLY A 94 10.81 22.52 -13.02
CA GLY A 94 11.45 23.45 -12.14
C GLY A 94 11.49 23.01 -10.68
N SER A 95 10.85 23.87 -9.93
CA SER A 95 10.45 23.75 -8.54
C SER A 95 11.08 22.69 -7.68
N ALA A 96 10.17 22.07 -6.90
CA ALA A 96 10.60 20.92 -6.12
C ALA A 96 10.85 19.96 -7.33
N GLY A 97 9.76 19.82 -8.11
CA GLY A 97 9.71 19.00 -9.26
C GLY A 97 10.77 17.96 -9.44
N SER A 98 10.49 16.67 -9.43
CA SER A 98 11.50 15.69 -9.64
C SER A 98 11.61 15.39 -11.14
N CYS A 99 12.78 15.47 -11.66
CA CYS A 99 13.22 15.16 -13.00
C CYS A 99 12.90 13.70 -13.27
N THR A 100 13.32 12.88 -12.30
CA THR A 100 13.15 11.49 -12.26
C THR A 100 11.68 11.10 -12.66
N LEU A 101 10.68 11.71 -12.04
CA LEU A 101 9.31 11.35 -12.23
C LEU A 101 8.80 11.71 -13.66
N VAL A 102 9.20 12.77 -14.29
CA VAL A 102 8.85 13.08 -15.65
C VAL A 102 9.44 11.95 -16.52
N LEU A 103 10.74 11.69 -16.37
CA LEU A 103 11.50 10.71 -17.12
C LEU A 103 10.94 9.28 -17.08
N GLN A 104 10.48 8.84 -15.94
CA GLN A 104 9.84 7.60 -15.71
C GLN A 104 8.47 7.62 -16.38
N THR A 105 7.84 8.77 -16.57
CA THR A 105 6.59 8.79 -17.28
C THR A 105 6.76 8.59 -18.79
N VAL A 106 7.68 9.37 -19.38
CA VAL A 106 7.89 9.43 -20.81
C VAL A 106 8.87 8.50 -21.46
N LEU A 107 9.88 8.08 -20.74
CA LEU A 107 10.89 7.21 -21.28
C LEU A 107 10.28 5.88 -21.80
N PRO A 108 9.57 5.11 -21.03
CA PRO A 108 9.03 3.83 -21.51
C PRO A 108 8.25 3.96 -22.83
N ALA A 109 7.47 4.98 -23.02
CA ALA A 109 6.70 5.20 -24.24
C ALA A 109 7.59 5.48 -25.43
N LEU A 110 8.66 6.23 -25.20
CA LEU A 110 9.64 6.57 -26.23
C LEU A 110 10.39 5.36 -26.73
N TRP A 111 10.41 4.32 -25.90
CA TRP A 111 10.93 3.04 -26.34
C TRP A 111 10.07 2.52 -27.56
N PHE A 112 8.84 2.99 -27.72
CA PHE A 112 7.98 2.55 -28.83
C PHE A 112 7.80 3.72 -29.80
N ALA A 113 8.67 4.77 -29.73
CA ALA A 113 8.40 5.90 -30.57
C ALA A 113 8.65 5.47 -32.06
N ASP A 114 8.27 6.39 -32.91
CA ASP A 114 8.52 6.18 -34.35
C ASP A 114 9.95 6.52 -34.74
N GLY A 115 10.83 6.97 -33.86
CA GLY A 115 12.21 7.21 -34.32
C GLY A 115 13.01 7.45 -33.03
N PRO A 116 14.31 7.68 -33.11
CA PRO A 116 15.09 8.02 -31.92
C PRO A 116 14.59 9.31 -31.30
N SER A 117 14.90 9.47 -29.96
CA SER A 117 14.50 10.67 -29.27
C SER A 117 15.54 11.16 -28.25
N ARG A 118 15.38 12.41 -27.87
CA ARG A 118 16.19 13.07 -26.84
C ARG A 118 15.21 13.83 -25.90
N VAL A 119 15.33 13.53 -24.59
CA VAL A 119 14.43 14.12 -23.64
C VAL A 119 15.30 14.96 -22.62
N GLU A 120 15.06 16.23 -22.58
CA GLU A 120 15.70 17.13 -21.63
C GLU A 120 14.61 17.57 -20.65
N VAL A 121 15.01 17.43 -19.36
CA VAL A 121 14.18 17.86 -18.27
C VAL A 121 15.00 18.73 -17.27
N SER A 122 14.48 19.87 -16.85
CA SER A 122 15.18 20.79 -15.90
C SER A 122 14.32 20.86 -14.67
N GLY A 123 14.99 20.81 -13.47
CA GLY A 123 14.07 20.79 -12.26
C GLY A 123 14.84 20.17 -11.09
N GLY A 124 14.25 19.43 -10.17
CA GLY A 124 15.06 18.84 -9.04
C GLY A 124 15.66 17.50 -9.46
N THR A 125 16.85 17.17 -9.04
CA THR A 125 17.49 15.94 -9.32
C THR A 125 17.87 15.17 -8.03
N ASP A 126 17.98 15.90 -6.92
CA ASP A 126 18.49 15.29 -5.66
C ASP A 126 17.59 15.78 -4.50
N ASN A 127 16.70 14.98 -4.01
CA ASN A 127 15.72 15.37 -2.98
C ASN A 127 15.60 14.22 -1.99
N PRO A 128 15.61 14.46 -0.68
CA PRO A 128 15.56 13.41 0.34
C PRO A 128 14.34 12.52 0.31
N SER A 129 13.27 12.81 -0.38
CA SER A 129 12.14 11.86 -0.40
C SER A 129 12.28 10.69 -1.37
N ALA A 130 13.14 10.81 -2.38
CA ALA A 130 13.26 9.84 -3.48
C ALA A 130 14.65 9.71 -4.09
N PRO A 131 14.88 8.58 -4.73
CA PRO A 131 16.11 8.33 -5.45
C PRO A 131 16.30 9.37 -6.53
N PRO A 132 17.51 9.90 -6.46
CA PRO A 132 17.97 10.92 -7.34
C PRO A 132 17.91 10.55 -8.82
N ALA A 133 17.96 11.49 -9.78
CA ALA A 133 18.06 11.19 -11.20
C ALA A 133 19.23 10.28 -11.52
N ASP A 134 20.24 10.32 -10.65
CA ASP A 134 21.46 9.59 -10.89
C ASP A 134 21.17 8.08 -10.86
N PHE A 135 20.17 7.55 -10.19
CA PHE A 135 19.83 6.18 -10.12
C PHE A 135 19.53 5.65 -11.60
N ILE A 136 18.95 6.42 -12.48
CA ILE A 136 18.61 5.99 -13.86
C ILE A 136 19.82 5.53 -14.61
N ARG A 137 20.84 6.43 -14.67
CA ARG A 137 22.08 6.13 -15.37
C ARG A 137 22.86 5.02 -14.68
N ARG A 138 23.02 5.18 -13.30
CA ARG A 138 23.92 4.24 -12.66
C ARG A 138 23.40 2.90 -12.27
N VAL A 139 22.12 2.77 -12.02
CA VAL A 139 21.59 1.46 -11.66
C VAL A 139 20.61 0.90 -12.75
N LEU A 140 19.70 1.71 -13.20
CA LEU A 140 18.58 1.24 -14.03
C LEU A 140 19.04 0.96 -15.47
N GLU A 141 19.76 1.83 -16.13
CA GLU A 141 20.16 1.68 -17.49
C GLU A 141 20.91 0.38 -17.84
N PRO A 142 21.84 -0.08 -17.02
CA PRO A 142 22.56 -1.29 -17.36
C PRO A 142 21.63 -2.48 -17.30
N LEU A 143 20.56 -2.53 -16.53
CA LEU A 143 19.59 -3.60 -16.52
C LEU A 143 18.63 -3.40 -17.73
N LEU A 144 18.28 -2.15 -18.06
CA LEU A 144 17.54 -1.89 -19.29
C LEU A 144 18.36 -2.40 -20.51
N ALA A 145 19.64 -2.14 -20.68
CA ALA A 145 20.43 -2.60 -21.75
C ALA A 145 20.34 -4.16 -21.94
N LYS A 146 20.36 -4.97 -20.90
CA LYS A 146 20.25 -6.41 -20.91
C LYS A 146 18.86 -6.93 -21.32
N ILE A 147 17.81 -6.15 -21.10
CA ILE A 147 16.47 -6.33 -21.55
C ILE A 147 16.42 -5.92 -23.02
N GLY A 148 17.44 -5.35 -23.66
CA GLY A 148 17.26 -4.92 -25.07
C GLY A 148 16.79 -3.50 -25.30
N ILE A 149 16.65 -2.66 -24.28
CA ILE A 149 16.27 -1.24 -24.33
C ILE A 149 17.47 -0.36 -24.49
N HIS A 150 17.63 0.60 -25.32
CA HIS A 150 18.71 1.51 -25.58
C HIS A 150 18.38 2.87 -24.94
N GLN A 151 18.88 3.18 -23.75
CA GLN A 151 18.52 4.48 -23.10
C GLN A 151 19.75 4.95 -22.30
N GLN A 152 20.25 6.15 -22.59
CA GLN A 152 21.44 6.70 -21.98
C GLN A 152 21.16 8.11 -21.38
N THR A 153 21.28 8.18 -20.05
CA THR A 153 20.93 9.36 -19.32
C THR A 153 22.23 10.10 -18.86
N THR A 154 22.20 11.43 -19.02
CA THR A 154 23.34 12.24 -18.58
C THR A 154 22.83 13.30 -17.58
N LEU A 155 23.47 13.41 -16.42
CA LEU A 155 23.05 14.41 -15.43
C LEU A 155 23.68 15.68 -15.88
N LEU A 156 23.19 16.70 -16.49
CA LEU A 156 24.12 17.74 -16.95
C LEU A 156 24.33 18.75 -15.73
N ARG A 157 23.42 18.80 -14.82
CA ARG A 157 23.47 19.78 -13.74
C ARG A 157 22.55 19.25 -12.65
N HIS A 158 23.00 19.36 -11.41
CA HIS A 158 22.15 18.90 -10.31
C HIS A 158 21.32 20.05 -9.80
N GLY A 159 20.12 19.81 -9.34
CA GLY A 159 19.16 20.68 -8.80
C GLY A 159 18.86 20.06 -7.43
N PHE A 160 19.40 20.69 -6.37
CA PHE A 160 19.25 20.06 -5.04
C PHE A 160 18.06 20.61 -4.34
N TYR A 161 17.03 19.93 -3.96
CA TYR A 161 15.86 20.45 -3.27
C TYR A 161 16.31 21.22 -2.00
N PRO A 162 15.71 22.36 -1.73
CA PRO A 162 14.63 22.92 -2.51
C PRO A 162 14.91 23.71 -3.76
N ALA A 163 16.15 23.82 -4.20
CA ALA A 163 16.51 24.52 -5.41
C ALA A 163 16.23 23.58 -6.60
N GLY A 164 15.93 24.26 -7.69
CA GLY A 164 15.61 23.60 -8.95
C GLY A 164 16.97 23.80 -9.64
N GLY A 165 16.90 24.03 -10.94
CA GLY A 165 18.12 24.24 -11.67
C GLY A 165 18.76 22.98 -12.20
N GLY A 166 18.35 21.79 -11.78
CA GLY A 166 19.18 20.70 -12.34
C GLY A 166 18.71 20.45 -13.85
N VAL A 167 19.64 19.82 -14.54
CA VAL A 167 19.43 19.52 -16.00
C VAL A 167 19.87 18.06 -16.25
N VAL A 168 18.88 17.28 -16.71
CA VAL A 168 19.03 15.89 -17.12
C VAL A 168 18.71 15.69 -18.63
N ALA A 169 19.47 14.87 -19.35
CA ALA A 169 19.15 14.63 -20.77
C ALA A 169 19.35 13.12 -21.06
N THR A 170 18.27 12.54 -21.59
CA THR A 170 18.36 11.07 -21.90
C THR A 170 18.19 10.91 -23.45
N GLU A 171 18.99 10.13 -24.03
CA GLU A 171 18.89 9.74 -25.45
C GLU A 171 18.23 8.37 -25.46
N VAL A 172 17.26 8.18 -26.34
CA VAL A 172 16.55 6.92 -26.43
C VAL A 172 16.37 6.44 -27.91
N SER A 173 16.44 5.15 -28.12
CA SER A 173 16.11 4.49 -29.42
C SER A 173 14.99 3.50 -29.27
N PRO A 174 14.12 3.30 -30.29
CA PRO A 174 12.96 2.39 -30.16
C PRO A 174 13.41 1.00 -29.87
N VAL A 175 12.87 0.12 -29.07
CA VAL A 175 13.37 -1.20 -28.90
C VAL A 175 13.06 -2.15 -30.13
N ALA A 176 13.95 -2.96 -30.61
CA ALA A 176 13.74 -3.95 -31.67
C ALA A 176 13.08 -5.16 -31.01
N SER A 177 13.78 -5.72 -30.04
CA SER A 177 13.19 -6.80 -29.26
C SER A 177 13.58 -6.76 -27.80
N PHE A 178 12.76 -7.26 -26.90
CA PHE A 178 13.00 -7.35 -25.49
C PHE A 178 13.68 -8.67 -25.20
N ASN A 179 14.67 -8.72 -24.29
CA ASN A 179 15.28 -9.95 -23.87
C ASN A 179 14.65 -10.25 -22.49
N THR A 180 14.80 -11.46 -22.01
CA THR A 180 14.34 -11.98 -20.77
C THR A 180 15.45 -11.74 -19.73
N LEU A 181 15.17 -10.98 -18.69
CA LEU A 181 16.20 -10.76 -17.68
C LEU A 181 16.05 -11.83 -16.61
N GLN A 182 17.03 -12.49 -16.02
CA GLN A 182 16.67 -13.40 -14.96
C GLN A 182 17.60 -13.13 -13.79
N LEU A 183 17.02 -12.56 -12.76
CA LEU A 183 17.85 -12.27 -11.57
C LEU A 183 17.41 -13.18 -10.45
N GLY A 184 18.27 -13.92 -9.79
CA GLY A 184 17.83 -14.69 -8.63
C GLY A 184 18.83 -14.21 -7.56
N GLU A 185 19.97 -14.79 -7.51
CA GLU A 185 21.02 -14.60 -6.56
C GLU A 185 21.89 -13.42 -7.00
N ARG A 186 22.25 -12.59 -6.01
CA ARG A 186 23.18 -11.52 -6.32
C ARG A 186 24.50 -12.12 -6.81
N GLY A 187 24.97 -13.13 -6.11
CA GLY A 187 26.28 -13.69 -6.41
C GLY A 187 27.20 -13.07 -5.31
N ASN A 188 28.49 -13.36 -5.37
CA ASN A 188 29.46 -12.83 -4.44
C ASN A 188 29.69 -11.32 -4.63
N ILE A 189 30.00 -10.60 -3.55
CA ILE A 189 30.23 -9.15 -3.70
C ILE A 189 31.53 -9.01 -4.48
N VAL A 190 31.67 -8.26 -5.54
CA VAL A 190 32.91 -8.05 -6.25
C VAL A 190 33.56 -6.78 -5.69
N GLN A 191 32.86 -5.67 -5.51
CA GLN A 191 33.56 -4.52 -4.85
C GLN A 191 32.45 -3.59 -4.35
N MET A 192 32.76 -2.74 -3.36
CA MET A 192 31.89 -1.67 -2.95
C MET A 192 32.64 -0.38 -3.16
N ARG A 193 31.89 0.70 -3.44
CA ARG A 193 32.53 1.98 -3.68
C ARG A 193 31.66 3.12 -3.05
N GLY A 194 32.27 4.20 -2.56
CA GLY A 194 31.43 5.23 -1.88
C GLY A 194 31.79 6.51 -2.56
N GLU A 195 30.80 7.35 -2.72
CA GLU A 195 30.95 8.61 -3.34
C GLU A 195 30.09 9.66 -2.55
N VAL A 196 30.74 10.82 -2.54
CA VAL A 196 30.00 11.92 -1.93
C VAL A 196 29.88 13.04 -2.96
N LEU A 197 28.63 13.47 -3.16
CA LEU A 197 28.60 14.62 -4.07
C LEU A 197 28.49 15.91 -3.24
N LEU A 198 29.27 16.96 -3.48
CA LEU A 198 29.14 18.22 -2.74
C LEU A 198 28.90 19.41 -3.62
N ALA A 199 28.02 20.32 -3.28
CA ALA A 199 27.99 21.61 -4.01
C ALA A 199 27.92 22.74 -2.95
N GLY A 200 28.87 23.58 -2.71
CA GLY A 200 28.73 24.69 -1.74
C GLY A 200 28.61 24.20 -0.32
N VAL A 201 29.19 23.10 0.06
CA VAL A 201 29.09 22.41 1.35
C VAL A 201 30.53 21.98 1.64
N PRO A 202 31.00 22.29 2.86
CA PRO A 202 32.42 22.13 3.21
C PRO A 202 32.89 20.73 2.95
N ARG A 203 34.06 20.47 2.53
CA ARG A 203 34.76 19.28 2.25
C ARG A 203 34.79 18.30 3.40
N HIS A 204 34.91 18.96 4.63
CA HIS A 204 34.93 18.07 5.78
C HIS A 204 33.68 17.27 5.90
N VAL A 205 32.54 17.79 5.46
CA VAL A 205 31.28 17.03 5.53
C VAL A 205 31.45 15.76 4.65
N ALA A 206 32.17 15.84 3.53
CA ALA A 206 32.31 14.59 2.69
C ALA A 206 33.34 13.66 3.36
N GLU A 207 34.39 14.36 3.99
CA GLU A 207 35.33 13.43 4.67
C GLU A 207 34.66 12.70 5.79
N ARG A 208 33.75 13.30 6.57
CA ARG A 208 33.15 12.52 7.64
C ARG A 208 32.22 11.40 7.16
N GLU A 209 31.46 11.75 6.08
CA GLU A 209 30.47 10.75 5.56
C GLU A 209 31.23 9.54 5.08
N ILE A 210 32.25 9.72 4.31
CA ILE A 210 33.11 8.71 3.73
C ILE A 210 33.74 7.90 4.83
N ALA A 211 34.20 8.53 5.94
CA ALA A 211 34.71 7.78 7.08
C ALA A 211 33.61 6.97 7.76
N THR A 212 32.38 7.40 7.89
CA THR A 212 31.33 6.52 8.48
C THR A 212 31.09 5.30 7.54
N LEU A 213 31.10 5.55 6.21
CA LEU A 213 30.91 4.41 5.29
C LEU A 213 32.07 3.45 5.50
N ALA A 214 33.31 3.97 5.49
CA ALA A 214 34.50 3.22 5.63
C ALA A 214 34.61 2.51 6.99
N GLY A 215 33.92 2.97 8.02
CA GLY A 215 33.93 2.24 9.28
C GLY A 215 33.24 0.87 9.14
N SER A 216 32.24 0.77 8.24
CA SER A 216 31.49 -0.48 8.18
C SER A 216 31.91 -1.38 7.00
N PHE A 217 32.28 -0.72 5.94
CA PHE A 217 32.57 -1.47 4.69
C PHE A 217 33.91 -1.29 4.14
N SER A 218 34.45 -2.31 3.51
CA SER A 218 35.70 -2.20 2.77
C SER A 218 35.48 -1.62 1.37
N LEU A 219 35.97 -0.41 1.13
CA LEU A 219 35.65 0.32 -0.05
C LEU A 219 36.77 0.26 -1.05
N HIS A 220 36.42 -0.09 -2.32
CA HIS A 220 37.49 -0.15 -3.33
C HIS A 220 37.95 1.27 -3.63
N GLU A 221 37.05 2.26 -3.56
CA GLU A 221 37.21 3.65 -3.90
C GLU A 221 36.37 4.50 -2.96
N GLN A 222 36.83 5.69 -2.64
CA GLN A 222 36.19 6.61 -1.70
C GLN A 222 36.21 7.94 -2.45
N ASN A 223 35.16 8.27 -3.21
CA ASN A 223 35.18 9.44 -4.07
C ASN A 223 34.40 10.64 -3.54
N ILE A 224 35.03 11.81 -3.79
CA ILE A 224 34.42 13.05 -3.45
C ILE A 224 34.30 13.86 -4.73
N HIS A 225 33.06 14.18 -5.07
CA HIS A 225 32.86 14.96 -6.30
C HIS A 225 32.31 16.33 -5.94
N ASN A 226 33.09 17.35 -6.24
CA ASN A 226 32.72 18.70 -5.96
C ASN A 226 32.14 19.37 -7.22
N LEU A 227 30.97 19.89 -7.06
CA LEU A 227 30.31 20.64 -8.11
C LEU A 227 30.40 22.14 -7.86
N PRO A 228 30.24 22.94 -8.89
CA PRO A 228 30.15 24.35 -8.76
C PRO A 228 29.17 24.72 -7.66
N ARG A 229 29.58 25.74 -6.89
CA ARG A 229 28.81 26.28 -5.77
C ARG A 229 27.50 26.82 -6.28
N ASP A 230 27.40 27.38 -7.49
CA ASP A 230 26.07 27.81 -7.95
C ASP A 230 25.14 26.63 -7.93
N GLN A 231 25.55 25.33 -8.00
CA GLN A 231 24.48 24.32 -7.85
C GLN A 231 24.14 24.11 -6.40
N GLY A 232 24.85 24.63 -5.39
CA GLY A 232 24.50 24.31 -3.98
C GLY A 232 23.53 25.23 -3.29
N PRO A 233 23.25 25.00 -2.00
CA PRO A 233 23.85 23.95 -1.23
C PRO A 233 23.41 22.51 -1.60
N GLY A 234 24.34 21.56 -1.60
CA GLY A 234 23.74 20.18 -1.81
C GLY A 234 24.79 19.18 -1.38
N ASN A 235 24.28 18.04 -0.95
CA ASN A 235 25.15 16.94 -0.52
C ASN A 235 24.45 15.63 -0.83
N THR A 236 25.06 14.73 -1.60
CA THR A 236 24.43 13.38 -1.76
C THR A 236 25.47 12.32 -1.55
N VAL A 237 25.13 11.29 -0.82
CA VAL A 237 26.10 10.26 -0.55
C VAL A 237 25.57 8.93 -1.19
N SER A 238 26.43 8.14 -1.76
CA SER A 238 25.91 6.90 -2.37
C SER A 238 26.95 5.84 -2.14
N LEU A 239 26.49 4.65 -2.09
CA LEU A 239 27.31 3.50 -1.96
C LEU A 239 26.95 2.47 -3.08
N GLU A 240 28.01 2.09 -3.82
CA GLU A 240 27.67 1.08 -4.91
C GLU A 240 28.04 -0.31 -4.49
N VAL A 241 27.19 -1.32 -4.63
CA VAL A 241 27.47 -2.70 -4.34
C VAL A 241 27.44 -3.49 -5.71
N GLU A 242 28.63 -3.72 -6.22
CA GLU A 242 28.81 -4.48 -7.43
C GLU A 242 28.89 -5.97 -7.05
N SER A 243 27.85 -6.76 -7.29
CA SER A 243 28.00 -8.22 -7.02
C SER A 243 28.24 -8.98 -8.37
N GLU A 244 28.39 -10.32 -8.37
CA GLU A 244 28.59 -10.98 -9.66
C GLU A 244 27.48 -10.85 -10.66
N ASN A 245 26.23 -10.93 -10.21
CA ASN A 245 25.09 -10.82 -11.11
C ASN A 245 24.38 -9.49 -11.23
N ILE A 246 24.75 -8.47 -10.43
CA ILE A 246 24.09 -7.19 -10.41
C ILE A 246 24.87 -6.09 -9.66
N THR A 247 24.69 -4.88 -10.23
CA THR A 247 25.22 -3.70 -9.63
C THR A 247 24.08 -2.86 -9.04
N GLU A 248 24.05 -2.73 -7.68
CA GLU A 248 23.07 -1.84 -7.05
C GLU A 248 23.80 -0.59 -6.51
N ARG A 249 23.07 0.51 -6.37
CA ARG A 249 23.70 1.72 -5.84
C ARG A 249 22.67 2.36 -4.95
N PHE A 250 22.90 2.68 -3.69
CA PHE A 250 21.96 3.21 -2.70
C PHE A 250 22.31 4.67 -2.41
N PHE A 251 21.41 5.61 -2.29
CA PHE A 251 21.64 7.01 -2.22
C PHE A 251 20.96 7.69 -0.99
N VAL A 252 21.66 8.62 -0.32
CA VAL A 252 20.98 9.39 0.72
C VAL A 252 21.20 10.83 0.32
N VAL A 253 20.11 11.59 0.27
CA VAL A 253 20.29 12.97 -0.10
C VAL A 253 20.31 13.74 1.29
N GLY A 254 21.31 14.55 1.44
CA GLY A 254 21.41 15.18 2.79
C GLY A 254 20.47 16.37 2.92
N GLU A 255 19.82 16.42 4.08
CA GLU A 255 18.95 17.53 4.42
C GLU A 255 19.62 18.62 5.26
N LYS A 256 19.15 19.83 5.08
CA LYS A 256 19.51 21.03 5.77
C LYS A 256 19.87 20.88 7.25
N ARG A 257 19.01 20.32 8.10
CA ARG A 257 19.45 20.38 9.52
C ARG A 257 19.89 19.02 10.02
N VAL A 258 20.44 18.21 9.11
CA VAL A 258 20.83 16.86 9.45
C VAL A 258 22.34 16.82 9.39
N SER A 259 23.02 16.10 10.25
CA SER A 259 24.45 16.13 10.18
C SER A 259 25.00 15.08 9.20
N ALA A 260 26.22 15.10 8.88
CA ALA A 260 26.99 14.28 8.03
C ALA A 260 26.96 12.83 8.46
N GLU A 261 27.18 12.66 9.80
CA GLU A 261 27.16 11.35 10.36
C GLU A 261 25.77 10.68 10.30
N VAL A 262 24.71 11.44 10.46
CA VAL A 262 23.38 10.88 10.43
C VAL A 262 23.08 10.55 8.94
N VAL A 263 23.39 11.38 8.01
CA VAL A 263 23.16 11.10 6.55
C VAL A 263 23.88 9.80 6.21
N ALA A 264 25.15 9.65 6.59
CA ALA A 264 25.98 8.49 6.31
C ALA A 264 25.49 7.24 6.93
N ALA A 265 25.09 7.35 8.22
CA ALA A 265 24.55 6.20 8.95
C ALA A 265 23.23 5.75 8.36
N GLN A 266 22.36 6.63 7.89
CA GLN A 266 21.15 6.15 7.18
C GLN A 266 21.60 5.33 5.93
N LEU A 267 22.63 5.78 5.19
CA LEU A 267 23.14 5.03 4.04
C LEU A 267 23.65 3.67 4.42
N VAL A 268 24.51 3.59 5.42
CA VAL A 268 24.98 2.32 5.96
C VAL A 268 23.85 1.39 6.33
N LYS A 269 22.80 1.86 7.00
CA LYS A 269 21.74 0.90 7.38
C LYS A 269 21.01 0.35 6.12
N GLU A 270 20.71 1.18 5.16
CA GLU A 270 20.10 0.75 3.88
C GLU A 270 21.01 -0.28 3.25
N VAL A 271 22.32 -0.10 3.17
CA VAL A 271 23.18 -1.08 2.51
C VAL A 271 23.21 -2.42 3.26
N LYS A 272 23.19 -2.43 4.60
CA LYS A 272 23.23 -3.62 5.43
C LYS A 272 21.89 -4.35 5.32
N ARG A 273 20.81 -3.63 5.18
CA ARG A 273 19.52 -4.33 4.93
C ARG A 273 19.58 -5.01 3.55
N TYR A 274 20.18 -4.39 2.53
CA TYR A 274 20.24 -5.10 1.22
C TYR A 274 21.12 -6.33 1.34
N LEU A 275 22.30 -6.20 1.96
CA LEU A 275 23.21 -7.28 2.10
C LEU A 275 22.69 -8.39 3.00
N ALA A 276 21.84 -8.05 3.95
CA ALA A 276 21.32 -9.05 4.85
C ALA A 276 20.35 -9.96 4.08
N SER A 277 19.66 -9.60 3.03
CA SER A 277 18.88 -10.58 2.29
C SER A 277 19.76 -11.18 1.19
N THR A 278 19.25 -12.22 0.49
CA THR A 278 19.98 -12.71 -0.65
C THR A 278 19.34 -12.06 -1.89
N ALA A 279 18.29 -11.30 -1.74
CA ALA A 279 17.66 -10.64 -2.92
C ALA A 279 18.60 -9.82 -3.73
N ALA A 280 18.47 -9.95 -5.08
CA ALA A 280 19.28 -9.27 -6.03
C ALA A 280 18.93 -7.78 -6.14
N VAL A 281 17.70 -7.38 -6.07
CA VAL A 281 17.39 -5.98 -6.30
C VAL A 281 16.76 -5.33 -5.06
N GLY A 282 16.94 -4.02 -4.87
CA GLY A 282 16.26 -3.36 -3.73
C GLY A 282 14.80 -3.08 -4.10
N GLU A 283 14.01 -2.65 -3.14
CA GLU A 283 12.61 -2.32 -3.30
C GLU A 283 12.33 -1.37 -4.45
N TYR A 284 12.99 -0.23 -4.48
CA TYR A 284 12.72 0.72 -5.53
C TYR A 284 13.13 0.17 -6.91
N LEU A 285 14.30 -0.43 -7.05
CA LEU A 285 14.67 -0.95 -8.39
C LEU A 285 13.63 -2.04 -8.83
N ALA A 286 13.17 -2.87 -7.92
CA ALA A 286 12.12 -3.84 -8.16
C ALA A 286 10.90 -3.17 -8.81
N ASP A 287 10.41 -2.07 -8.23
CA ASP A 287 9.32 -1.37 -8.89
C ASP A 287 9.56 -0.98 -10.34
N GLN A 288 10.81 -0.65 -10.69
CA GLN A 288 11.10 -0.19 -12.02
C GLN A 288 11.32 -1.37 -12.94
N LEU A 289 11.59 -2.61 -12.50
CA LEU A 289 11.80 -3.68 -13.46
C LEU A 289 10.45 -4.28 -13.89
N VAL A 290 9.42 -3.99 -13.13
CA VAL A 290 8.08 -4.52 -13.47
C VAL A 290 7.63 -4.27 -14.90
N LEU A 291 7.65 -3.04 -15.40
CA LEU A 291 7.21 -2.70 -16.75
C LEU A 291 8.06 -3.26 -17.83
N PRO A 292 9.38 -2.99 -17.85
CA PRO A 292 10.22 -3.60 -18.84
C PRO A 292 10.06 -5.09 -18.85
N MET A 293 9.96 -5.82 -17.75
CA MET A 293 9.77 -7.26 -17.80
C MET A 293 8.35 -7.59 -18.36
N ALA A 294 7.29 -6.89 -18.01
CA ALA A 294 5.96 -7.07 -18.52
C ALA A 294 6.04 -6.98 -20.07
N LEU A 295 6.69 -5.91 -20.52
CA LEU A 295 6.98 -5.64 -21.89
C LEU A 295 7.68 -6.77 -22.60
N ALA A 296 8.62 -7.49 -22.04
CA ALA A 296 9.28 -8.60 -22.68
C ALA A 296 8.49 -9.89 -22.60
N GLY A 297 7.41 -9.91 -21.80
CA GLY A 297 6.62 -11.11 -21.58
C GLY A 297 7.27 -12.21 -20.82
N ALA A 298 8.43 -11.97 -20.21
CA ALA A 298 9.07 -13.02 -19.40
C ALA A 298 10.23 -12.33 -18.65
N GLY A 299 10.72 -12.99 -17.62
CA GLY A 299 11.78 -12.44 -16.80
C GLY A 299 11.37 -12.63 -15.32
N GLU A 300 12.42 -12.49 -14.51
CA GLU A 300 12.27 -12.59 -13.06
C GLU A 300 13.44 -11.90 -12.34
N PHE A 301 13.10 -11.50 -11.13
CA PHE A 301 14.07 -10.96 -10.20
C PHE A 301 13.68 -11.38 -8.80
N THR A 302 14.67 -11.29 -7.88
CA THR A 302 14.35 -11.41 -6.48
C THR A 302 14.48 -10.04 -5.74
N VAL A 303 13.54 -9.83 -4.85
CA VAL A 303 13.36 -8.64 -4.02
C VAL A 303 13.08 -9.16 -2.59
N ALA A 304 13.58 -8.47 -1.57
CA ALA A 304 13.48 -8.96 -0.20
C ALA A 304 12.05 -9.23 0.27
N HIS A 305 11.21 -8.25 0.05
CA HIS A 305 9.84 -8.22 0.46
C HIS A 305 9.01 -7.51 -0.59
N PRO A 306 7.80 -7.95 -0.87
CA PRO A 306 6.92 -7.24 -1.77
C PRO A 306 6.56 -5.94 -1.06
N SER A 307 6.35 -4.87 -1.75
CA SER A 307 5.96 -3.59 -1.14
C SER A 307 4.67 -3.17 -1.81
N CYS A 308 4.01 -2.16 -1.35
CA CYS A 308 2.75 -1.66 -1.78
C CYS A 308 2.91 -1.12 -3.18
N HIS A 309 4.02 -0.41 -3.38
CA HIS A 309 4.35 0.16 -4.68
C HIS A 309 4.56 -0.95 -5.72
N LEU A 310 5.12 -2.09 -5.30
CA LEU A 310 5.35 -3.21 -6.20
C LEU A 310 3.97 -3.78 -6.63
N LEU A 311 3.11 -4.01 -5.65
CA LEU A 311 1.76 -4.48 -5.91
C LEU A 311 1.03 -3.56 -6.87
N THR A 312 1.05 -2.27 -6.66
CA THR A 312 0.37 -1.27 -7.47
C THR A 312 1.00 -1.22 -8.85
N ASN A 313 2.32 -1.18 -9.00
CA ASN A 313 2.83 -1.23 -10.37
C ASN A 313 2.35 -2.54 -11.02
N ILE A 314 2.39 -3.67 -10.35
CA ILE A 314 1.94 -4.89 -10.99
C ILE A 314 0.47 -4.84 -11.40
N ALA A 315 -0.40 -4.25 -10.59
CA ALA A 315 -1.81 -4.18 -10.91
C ALA A 315 -2.11 -3.33 -12.15
N VAL A 316 -1.45 -2.16 -12.24
CA VAL A 316 -1.66 -1.24 -13.33
C VAL A 316 -1.14 -1.82 -14.63
N VAL A 317 -0.04 -2.58 -14.61
CA VAL A 317 0.48 -3.22 -15.77
C VAL A 317 -0.55 -4.27 -16.25
N GLU A 318 -1.09 -5.07 -15.34
CA GLU A 318 -2.00 -6.14 -15.64
C GLU A 318 -3.35 -5.63 -16.18
N ARG A 319 -3.71 -4.39 -15.95
CA ARG A 319 -4.89 -3.86 -16.55
C ARG A 319 -4.58 -3.59 -18.02
N PHE A 320 -3.41 -3.03 -18.39
CA PHE A 320 -3.17 -2.70 -19.79
C PHE A 320 -2.58 -3.79 -20.65
N LEU A 321 -1.97 -4.81 -20.09
CA LEU A 321 -1.16 -5.79 -20.75
C LEU A 321 -1.68 -7.12 -20.27
N PRO A 322 -1.63 -8.14 -21.11
CA PRO A 322 -2.21 -9.45 -20.86
C PRO A 322 -1.33 -10.40 -20.06
N VAL A 323 -0.20 -9.91 -19.63
CA VAL A 323 0.73 -10.58 -18.75
C VAL A 323 0.19 -10.74 -17.36
N ARG A 324 0.69 -11.76 -16.66
CA ARG A 324 0.32 -11.95 -15.27
C ARG A 324 1.60 -12.13 -14.48
N PHE A 325 1.59 -11.54 -13.28
CA PHE A 325 2.74 -11.76 -12.40
C PHE A 325 2.46 -12.80 -11.33
N SER A 326 3.50 -13.52 -11.06
CA SER A 326 3.49 -14.48 -9.97
C SER A 326 4.47 -13.90 -8.90
N LEU A 327 4.17 -14.15 -7.66
CA LEU A 327 4.98 -13.72 -6.53
C LEU A 327 5.13 -14.85 -5.56
N ILE A 328 6.32 -15.39 -5.37
CA ILE A 328 6.52 -16.51 -4.45
C ILE A 328 7.56 -16.06 -3.41
N GLU A 329 7.06 -15.60 -2.27
CA GLU A 329 7.83 -15.14 -1.13
C GLU A 329 7.98 -16.22 -0.08
N THR A 330 9.15 -16.74 0.22
CA THR A 330 9.24 -17.81 1.18
C THR A 330 10.36 -17.85 2.18
N ASP A 331 11.51 -17.25 1.90
CA ASP A 331 12.57 -17.45 2.92
C ASP A 331 13.30 -16.13 3.07
N GLY A 332 12.54 -15.09 3.42
CA GLY A 332 13.15 -13.76 3.39
C GLY A 332 13.59 -13.40 1.96
N VAL A 333 12.96 -13.91 0.89
CA VAL A 333 13.22 -13.53 -0.49
C VAL A 333 11.92 -13.80 -1.26
N THR A 334 11.52 -12.86 -2.09
CA THR A 334 10.37 -12.87 -2.95
C THR A 334 10.81 -12.88 -4.42
N ARG A 335 10.42 -13.94 -5.10
CA ARG A 335 10.73 -14.06 -6.54
C ARG A 335 9.56 -13.53 -7.34
N VAL A 336 9.82 -12.54 -8.19
CA VAL A 336 8.81 -11.84 -8.97
C VAL A 336 9.12 -12.27 -10.41
N SER A 337 8.08 -12.84 -11.06
CA SER A 337 8.24 -13.35 -12.38
C SER A 337 6.96 -13.32 -13.24
N ILE A 338 7.26 -13.33 -14.54
CA ILE A 338 6.13 -13.35 -15.47
C ILE A 338 5.58 -14.77 -15.48
N MET B 5 12.94 -1.09 22.71
CA MET B 5 11.79 -0.41 22.09
C MET B 5 11.65 -0.55 20.57
N ILE B 6 10.47 -0.96 20.15
CA ILE B 6 10.09 -1.08 18.76
C ILE B 6 9.76 0.28 18.22
N ALA B 7 10.37 0.66 17.11
CA ALA B 7 10.10 1.96 16.50
C ALA B 7 9.36 1.73 15.17
N LEU B 8 8.24 2.37 14.83
CA LEU B 8 7.50 2.14 13.65
C LEU B 8 7.41 3.41 12.86
N ASP B 9 7.54 3.41 11.54
CA ASP B 9 7.27 4.65 10.81
C ASP B 9 5.83 4.44 10.34
N GLY B 10 4.95 5.32 10.71
CA GLY B 10 3.55 5.22 10.36
C GLY B 10 3.26 5.65 8.93
N ALA B 11 4.28 5.78 8.10
CA ALA B 11 4.11 6.15 6.70
C ALA B 11 4.37 4.91 5.83
N GLN B 12 4.78 3.80 6.44
CA GLN B 12 5.05 2.58 5.69
C GLN B 12 3.76 2.06 5.03
N GLY B 13 3.93 1.37 3.92
CA GLY B 13 2.86 0.76 3.17
C GLY B 13 1.68 1.66 2.90
N GLU B 14 0.52 1.37 3.47
CA GLU B 14 -0.66 2.20 3.30
C GLU B 14 -0.54 3.59 3.89
N GLY B 15 0.16 3.79 5.00
CA GLY B 15 0.31 5.04 5.71
C GLY B 15 -0.85 5.60 6.53
N GLY B 16 -1.66 4.81 7.23
CA GLY B 16 -2.77 5.38 7.98
C GLY B 16 -3.04 4.84 9.36
N GLY B 17 -4.30 4.91 9.78
CA GLY B 17 -4.70 4.41 11.09
C GLY B 17 -4.50 2.95 11.32
N GLN B 18 -4.48 2.10 10.26
CA GLN B 18 -4.38 0.66 10.48
C GLN B 18 -3.13 0.27 11.23
N ILE B 19 -1.99 0.83 10.77
CA ILE B 19 -0.74 0.54 11.42
C ILE B 19 -0.85 0.82 12.93
N LEU B 20 -1.32 1.99 13.31
CA LEU B 20 -1.53 2.38 14.71
C LEU B 20 -2.38 1.39 15.45
N ARG B 21 -3.60 1.16 14.90
CA ARG B 21 -4.50 0.13 15.56
C ARG B 21 -3.87 -1.19 15.70
N SER B 22 -3.13 -1.77 14.72
CA SER B 22 -2.57 -3.07 14.99
C SER B 22 -1.38 -3.00 15.97
N ALA B 23 -0.60 -1.92 15.96
CA ALA B 23 0.53 -1.90 16.94
C ALA B 23 -0.08 -1.81 18.35
N LEU B 24 -1.13 -1.00 18.53
CA LEU B 24 -1.76 -0.96 19.86
C LEU B 24 -2.09 -2.36 20.33
N SER B 25 -2.90 -3.11 19.48
CA SER B 25 -3.20 -4.47 19.85
C SER B 25 -1.99 -5.29 20.13
N LEU B 26 -1.02 -5.32 19.17
CA LEU B 26 0.10 -6.21 19.37
C LEU B 26 0.90 -5.78 20.65
N SER B 27 1.03 -4.46 20.87
CA SER B 27 1.87 -4.05 22.08
C SER B 27 1.21 -4.54 23.35
N MET B 28 -0.12 -4.35 23.41
CA MET B 28 -0.87 -4.89 24.57
C MET B 28 -0.69 -6.33 24.79
N ILE B 29 -0.89 -7.14 23.73
CA ILE B 29 -0.79 -8.57 23.85
C ILE B 29 0.60 -8.92 24.30
N THR B 30 1.65 -8.43 23.64
CA THR B 30 2.97 -8.97 24.00
C THR B 30 3.59 -8.16 25.19
N GLY B 31 3.14 -6.97 25.48
CA GLY B 31 3.78 -6.22 26.58
C GLY B 31 4.95 -5.40 26.05
N GLN B 32 5.22 -5.41 24.73
CA GLN B 32 6.29 -4.64 24.16
C GLN B 32 5.85 -3.26 23.86
N PRO B 33 6.55 -2.24 24.37
CA PRO B 33 6.19 -0.87 24.10
C PRO B 33 6.57 -0.43 22.69
N PHE B 34 6.04 0.71 22.20
CA PHE B 34 6.54 1.03 20.89
C PHE B 34 6.35 2.53 20.79
N THR B 35 7.04 3.12 19.86
CA THR B 35 6.82 4.49 19.45
C THR B 35 6.49 4.48 17.96
N ILE B 36 5.76 5.39 17.40
CA ILE B 36 5.43 5.39 15.99
C ILE B 36 5.52 6.86 15.60
N THR B 37 6.25 7.14 14.55
CA THR B 37 6.41 8.50 14.07
C THR B 37 5.72 8.69 12.71
N SER B 38 5.53 9.93 12.28
CA SER B 38 4.83 10.21 11.05
C SER B 38 3.50 9.50 10.97
N ILE B 39 2.67 9.67 12.01
CA ILE B 39 1.34 9.06 12.00
C ILE B 39 0.54 9.74 10.91
N ARG B 40 0.04 8.97 9.93
CA ARG B 40 -0.78 9.59 8.85
C ARG B 40 -0.11 10.81 8.30
N ALA B 41 1.23 10.86 8.09
CA ALA B 41 1.80 12.14 7.64
C ALA B 41 1.30 12.67 6.31
N GLY B 42 0.95 11.89 5.29
CA GLY B 42 0.49 12.51 4.06
C GLY B 42 -0.93 13.01 3.97
N ARG B 43 -1.80 12.59 4.86
CA ARG B 43 -3.22 12.89 4.85
C ARG B 43 -3.65 14.33 4.88
N ALA B 44 -4.90 14.52 4.46
CA ALA B 44 -5.49 15.86 4.47
C ALA B 44 -5.32 16.45 5.85
N LYS B 45 -5.82 15.77 6.87
CA LYS B 45 -5.73 16.12 8.28
C LYS B 45 -4.87 15.02 8.92
N PRO B 46 -3.61 15.35 9.09
CA PRO B 46 -2.59 14.44 9.58
C PRO B 46 -2.42 14.21 11.06
N GLY B 47 -1.74 13.11 11.37
CA GLY B 47 -1.51 12.68 12.74
C GLY B 47 -2.79 12.09 13.33
N LEU B 48 -2.79 12.03 14.65
CA LEU B 48 -3.92 11.54 15.43
C LEU B 48 -5.20 12.33 15.28
N LEU B 49 -6.30 11.68 14.88
CA LEU B 49 -7.57 12.34 14.78
C LEU B 49 -8.40 11.83 15.97
N ARG B 50 -9.60 12.34 16.10
CA ARG B 50 -10.50 12.00 17.22
C ARG B 50 -10.71 10.53 17.43
N GLN B 51 -11.05 9.86 16.32
CA GLN B 51 -11.26 8.41 16.27
C GLN B 51 -10.00 7.70 16.67
N HIS B 52 -8.82 8.13 16.20
CA HIS B 52 -7.59 7.43 16.59
C HIS B 52 -7.37 7.57 18.09
N LEU B 53 -7.53 8.79 18.60
CA LEU B 53 -7.44 9.11 20.04
C LEU B 53 -8.41 8.29 20.88
N THR B 54 -9.69 8.17 20.44
CA THR B 54 -10.59 7.23 21.11
C THR B 54 -10.01 5.86 21.08
N ALA B 55 -9.29 5.43 20.01
CA ALA B 55 -8.79 4.06 20.09
C ALA B 55 -7.62 3.96 21.05
N VAL B 56 -6.72 4.97 21.09
CA VAL B 56 -5.55 4.87 22.04
C VAL B 56 -6.05 4.92 23.48
N LYS B 57 -7.04 5.76 23.67
CA LYS B 57 -7.67 5.86 25.02
C LYS B 57 -8.29 4.59 25.52
N ALA B 58 -9.11 3.89 24.62
CA ALA B 58 -9.65 2.60 25.09
C ALA B 58 -8.57 1.65 25.38
N ALA B 59 -7.52 1.61 24.53
CA ALA B 59 -6.40 0.70 24.78
C ALA B 59 -5.67 1.06 26.11
N THR B 60 -5.49 2.39 26.30
CA THR B 60 -4.76 2.84 27.54
C THR B 60 -5.59 2.36 28.74
N GLU B 61 -6.91 2.52 28.66
CA GLU B 61 -7.78 2.02 29.76
C GLU B 61 -7.82 0.55 30.00
N ILE B 62 -7.65 -0.38 29.01
CA ILE B 62 -7.73 -1.79 29.37
C ILE B 62 -6.47 -2.34 29.92
N CYS B 63 -5.33 -1.68 29.64
CA CYS B 63 -4.05 -2.17 30.14
C CYS B 63 -3.34 -1.12 31.08
N GLY B 64 -3.92 0.01 31.42
CA GLY B 64 -3.24 0.99 32.37
C GLY B 64 -1.93 1.46 31.78
N ALA B 65 -1.92 2.00 30.53
CA ALA B 65 -0.67 2.24 29.87
C ALA B 65 -0.05 3.63 30.21
N THR B 66 1.25 3.65 30.01
CA THR B 66 1.99 4.91 30.06
C THR B 66 2.09 5.42 28.62
N VAL B 67 1.56 6.56 28.30
CA VAL B 67 1.47 7.13 26.99
C VAL B 67 1.96 8.57 26.89
N GLU B 68 2.70 8.83 25.83
CA GLU B 68 3.11 10.15 25.39
C GLU B 68 2.62 10.49 23.98
N GLY B 69 2.17 11.67 23.65
CA GLY B 69 1.86 12.15 22.33
C GLY B 69 0.42 11.93 21.86
N ALA B 70 -0.44 11.44 22.75
CA ALA B 70 -1.86 11.23 22.47
C ALA B 70 -2.63 12.50 22.34
N GLU B 71 -2.37 13.34 21.36
CA GLU B 71 -3.15 14.57 21.19
C GLU B 71 -3.60 14.81 19.77
N LEU B 72 -4.59 15.63 19.47
CA LEU B 72 -4.99 15.88 18.09
C LEU B 72 -3.85 16.36 17.23
N GLY B 73 -3.58 15.76 16.05
CA GLY B 73 -2.51 16.28 15.20
C GLY B 73 -1.16 15.69 15.58
N SER B 74 -1.02 15.09 16.77
CA SER B 74 0.31 14.52 17.02
C SER B 74 0.54 13.47 15.89
N GLN B 75 1.79 13.35 15.47
CA GLN B 75 2.36 12.48 14.52
C GLN B 75 3.37 11.56 15.20
N ARG B 76 3.38 11.61 16.54
CA ARG B 76 4.28 10.75 17.28
C ARG B 76 3.55 10.24 18.53
N LEU B 77 3.65 8.95 18.80
CA LEU B 77 2.99 8.52 20.03
C LEU B 77 3.91 7.53 20.69
N LEU B 78 3.97 7.42 21.98
CA LEU B 78 4.82 6.33 22.53
C LEU B 78 3.87 5.56 23.41
N PHE B 79 3.92 4.27 23.58
CA PHE B 79 2.85 3.51 24.26
C PHE B 79 3.57 2.44 24.97
N ARG B 80 3.31 2.33 26.26
CA ARG B 80 3.99 1.31 27.07
C ARG B 80 2.85 0.69 27.84
N PRO B 81 2.40 -0.48 27.36
CA PRO B 81 1.35 -1.16 28.02
C PRO B 81 1.63 -1.67 29.42
N GLY B 82 0.62 -1.70 30.27
CA GLY B 82 0.71 -2.52 31.50
C GLY B 82 -0.05 -3.84 31.22
N THR B 83 -0.45 -4.57 32.26
CA THR B 83 -1.16 -5.81 32.20
C THR B 83 -2.57 -5.68 31.63
N VAL B 84 -2.94 -6.56 30.66
CA VAL B 84 -4.28 -6.36 30.11
C VAL B 84 -5.33 -6.74 31.09
N ARG B 85 -6.30 -5.90 31.34
CA ARG B 85 -7.22 -6.40 32.38
C ARG B 85 -8.59 -6.84 31.89
N GLY B 86 -9.10 -7.91 32.43
CA GLY B 86 -10.47 -8.27 31.95
C GLY B 86 -11.39 -7.38 32.70
N GLY B 87 -12.55 -7.07 32.23
CA GLY B 87 -13.55 -6.30 32.91
C GLY B 87 -14.64 -5.92 31.94
N ASP B 88 -15.47 -5.03 32.32
CA ASP B 88 -16.53 -4.49 31.47
C ASP B 88 -16.36 -3.07 31.19
N TYR B 89 -16.08 -2.72 29.91
CA TYR B 89 -15.84 -1.45 29.36
C TYR B 89 -16.86 -0.86 28.44
N ARG B 90 -16.90 0.45 28.36
CA ARG B 90 -17.81 1.17 27.45
C ARG B 90 -17.07 2.29 26.76
N PHE B 91 -17.04 2.38 25.46
CA PHE B 91 -16.33 3.42 24.73
C PHE B 91 -17.35 4.09 23.84
N ALA B 92 -17.33 5.36 23.63
CA ALA B 92 -18.27 6.09 22.80
C ALA B 92 -17.40 6.70 21.69
N ILE B 93 -17.60 6.47 20.41
CA ILE B 93 -16.81 7.10 19.38
C ILE B 93 -17.68 8.28 18.87
N GLY B 94 -18.97 8.03 19.09
CA GLY B 94 -20.04 8.91 18.67
C GLY B 94 -20.00 9.00 17.13
N SER B 95 -19.99 10.28 16.79
CA SER B 95 -19.83 10.81 15.46
C SER B 95 -20.18 9.80 14.38
N ALA B 96 -19.37 9.74 13.33
CA ALA B 96 -19.66 8.71 12.33
C ALA B 96 -18.84 7.51 12.81
N GLY B 97 -17.73 7.88 13.46
CA GLY B 97 -16.72 6.97 13.91
C GLY B 97 -17.22 5.54 13.90
N SER B 98 -16.47 4.63 13.33
CA SER B 98 -16.88 3.24 13.30
C SER B 98 -16.61 2.44 14.57
N CYS B 99 -17.62 1.72 15.06
CA CYS B 99 -17.39 0.88 16.23
C CYS B 99 -16.37 -0.18 15.91
N THR B 100 -16.34 -0.75 14.69
CA THR B 100 -15.38 -1.81 14.33
C THR B 100 -13.92 -1.48 14.65
N LEU B 101 -13.55 -0.25 14.34
CA LEU B 101 -12.13 0.16 14.56
C LEU B 101 -11.73 0.20 16.03
N VAL B 102 -12.63 0.52 16.93
CA VAL B 102 -12.27 0.46 18.37
C VAL B 102 -12.18 -0.97 18.78
N LEU B 103 -13.26 -1.70 18.40
CA LEU B 103 -13.36 -3.14 18.64
C LEU B 103 -12.13 -3.85 18.14
N GLN B 104 -11.76 -3.66 16.89
CA GLN B 104 -10.55 -4.32 16.35
C GLN B 104 -9.25 -3.95 17.07
N THR B 105 -9.22 -2.75 17.71
CA THR B 105 -8.07 -2.40 18.58
C THR B 105 -8.13 -3.13 19.93
N VAL B 106 -9.28 -3.26 20.65
CA VAL B 106 -9.13 -3.86 22.01
C VAL B 106 -9.42 -5.31 22.18
N LEU B 107 -10.28 -5.83 21.29
CA LEU B 107 -10.67 -7.25 21.42
C LEU B 107 -9.56 -8.20 21.38
N PRO B 108 -8.60 -7.96 20.46
CA PRO B 108 -7.53 -8.97 20.42
C PRO B 108 -6.72 -8.96 21.69
N ALA B 109 -6.55 -7.74 22.27
CA ALA B 109 -5.72 -7.76 23.53
C ALA B 109 -6.51 -8.48 24.57
N LEU B 110 -7.85 -8.28 24.58
CA LEU B 110 -8.67 -8.96 25.63
C LEU B 110 -8.69 -10.45 25.57
N TRP B 111 -8.18 -11.02 24.43
CA TRP B 111 -8.04 -12.49 24.38
C TRP B 111 -6.95 -12.95 25.30
N PHE B 112 -6.03 -12.04 25.66
CA PHE B 112 -4.91 -12.31 26.58
C PHE B 112 -5.13 -11.61 27.93
N ALA B 113 -6.34 -11.20 28.23
CA ALA B 113 -6.72 -10.54 29.45
C ALA B 113 -6.74 -11.56 30.58
N ASP B 114 -6.68 -11.00 31.80
CA ASP B 114 -6.66 -11.86 32.98
C ASP B 114 -8.04 -12.31 33.40
N GLY B 115 -9.07 -12.05 32.59
CA GLY B 115 -10.39 -12.68 32.95
C GLY B 115 -11.37 -12.29 31.83
N PRO B 116 -12.63 -12.69 31.91
CA PRO B 116 -13.60 -12.40 30.89
C PRO B 116 -13.76 -10.92 30.76
N SER B 117 -14.32 -10.43 29.65
CA SER B 117 -14.52 -9.04 29.42
C SER B 117 -15.80 -8.81 28.70
N ARG B 118 -16.23 -7.55 28.63
CA ARG B 118 -17.40 -7.23 27.82
C ARG B 118 -17.02 -5.85 27.33
N VAL B 119 -17.07 -5.61 26.06
CA VAL B 119 -16.83 -4.35 25.47
C VAL B 119 -18.11 -3.86 24.86
N GLU B 120 -18.50 -2.66 25.23
CA GLU B 120 -19.63 -2.06 24.52
C GLU B 120 -19.17 -0.80 23.87
N VAL B 121 -19.50 -0.57 22.60
CA VAL B 121 -19.13 0.66 21.90
C VAL B 121 -20.32 1.31 21.22
N SER B 122 -20.32 2.64 21.12
CA SER B 122 -21.42 3.34 20.50
C SER B 122 -20.86 4.23 19.40
N GLY B 123 -21.58 4.43 18.32
CA GLY B 123 -20.99 5.17 17.16
C GLY B 123 -21.56 4.59 15.85
N GLY B 124 -20.81 4.64 14.73
CA GLY B 124 -21.34 4.09 13.48
C GLY B 124 -21.20 2.58 13.36
N THR B 125 -22.18 1.88 12.82
CA THR B 125 -22.15 0.45 12.55
C THR B 125 -22.22 0.11 11.03
N ASP B 126 -22.84 1.01 10.27
CA ASP B 126 -23.09 0.78 8.81
C ASP B 126 -22.71 1.98 7.99
N ASN B 127 -21.58 1.98 7.35
CA ASN B 127 -21.05 3.05 6.54
C ASN B 127 -20.65 2.51 5.15
N PRO B 128 -20.91 3.24 4.11
CA PRO B 128 -20.56 2.80 2.73
C PRO B 128 -19.10 2.53 2.54
N SER B 129 -18.15 3.14 3.26
CA SER B 129 -16.75 2.83 3.00
C SER B 129 -16.22 1.59 3.65
N ALA B 130 -16.98 0.84 4.44
CA ALA B 130 -16.33 -0.35 5.07
C ALA B 130 -17.34 -1.41 5.45
N PRO B 131 -17.00 -2.67 5.60
CA PRO B 131 -17.94 -3.68 6.01
C PRO B 131 -18.50 -3.26 7.39
N PRO B 132 -19.79 -3.47 7.53
CA PRO B 132 -20.51 -3.15 8.72
C PRO B 132 -19.99 -3.95 9.89
N ALA B 133 -20.38 -3.45 11.12
CA ALA B 133 -20.08 -4.13 12.38
C ALA B 133 -20.63 -5.54 12.35
N ASP B 134 -21.78 -5.68 11.62
CA ASP B 134 -22.34 -7.04 11.42
C ASP B 134 -21.44 -8.12 10.86
N PHE B 135 -20.38 -7.79 10.16
CA PHE B 135 -19.36 -8.74 9.65
C PHE B 135 -18.68 -9.51 10.71
N ILE B 136 -18.57 -8.77 11.92
CA ILE B 136 -17.83 -9.47 13.00
C ILE B 136 -18.54 -10.72 13.41
N ARG B 137 -19.77 -10.69 13.85
CA ARG B 137 -20.43 -11.96 14.22
C ARG B 137 -20.66 -12.93 13.03
N ARG B 138 -21.09 -12.38 11.91
CA ARG B 138 -21.52 -13.29 10.80
C ARG B 138 -20.40 -13.94 10.04
N VAL B 139 -19.26 -13.26 10.01
CA VAL B 139 -18.11 -13.77 9.29
C VAL B 139 -16.95 -14.16 10.13
N LEU B 140 -16.46 -13.13 10.92
CA LEU B 140 -15.16 -13.39 11.56
C LEU B 140 -15.21 -14.36 12.66
N GLU B 141 -16.22 -14.19 13.60
CA GLU B 141 -16.28 -14.99 14.79
C GLU B 141 -16.29 -16.49 14.64
N PRO B 142 -17.03 -17.06 13.66
CA PRO B 142 -16.92 -18.50 13.44
C PRO B 142 -15.50 -18.89 13.15
N LEU B 143 -14.72 -18.14 12.39
CA LEU B 143 -13.37 -18.37 12.07
C LEU B 143 -12.51 -18.20 13.36
N LEU B 144 -12.72 -17.12 14.13
CA LEU B 144 -11.91 -17.00 15.37
C LEU B 144 -12.22 -18.21 16.22
N ALA B 145 -13.50 -18.61 16.29
CA ALA B 145 -13.79 -19.81 17.12
C ALA B 145 -12.98 -21.04 16.71
N LYS B 146 -12.67 -21.25 15.41
CA LYS B 146 -11.87 -22.42 15.02
C LYS B 146 -10.40 -22.22 15.36
N ILE B 147 -10.00 -20.94 15.49
CA ILE B 147 -8.61 -20.67 15.91
C ILE B 147 -8.50 -20.84 17.44
N GLY B 148 -9.57 -21.09 18.18
CA GLY B 148 -9.61 -21.30 19.62
C GLY B 148 -9.95 -19.97 20.32
N ILE B 149 -10.35 -18.96 19.60
CA ILE B 149 -10.66 -17.66 20.16
C ILE B 149 -12.15 -17.49 20.39
N HIS B 150 -12.57 -17.38 21.62
CA HIS B 150 -13.98 -17.23 21.96
C HIS B 150 -14.47 -15.84 22.29
N GLN B 151 -15.16 -15.25 21.30
CA GLN B 151 -15.78 -13.95 21.44
C GLN B 151 -17.14 -13.87 20.77
N GLN B 152 -18.11 -13.13 21.28
CA GLN B 152 -19.40 -13.04 20.60
C GLN B 152 -19.93 -11.66 20.57
N THR B 153 -20.17 -11.12 19.40
CA THR B 153 -20.70 -9.80 19.15
C THR B 153 -22.16 -9.76 18.84
N THR B 154 -22.76 -8.73 19.44
CA THR B 154 -24.11 -8.36 19.25
C THR B 154 -24.23 -6.93 18.81
N LEU B 155 -25.15 -6.89 17.75
CA LEU B 155 -25.55 -5.60 17.26
C LEU B 155 -26.72 -5.15 18.09
N LEU B 156 -26.57 -4.19 19.03
CA LEU B 156 -27.73 -3.81 19.83
C LEU B 156 -28.55 -2.79 19.08
N ARG B 157 -27.88 -1.92 18.32
CA ARG B 157 -28.63 -0.91 17.54
C ARG B 157 -27.83 -0.48 16.34
N HIS B 158 -28.36 -0.03 15.21
CA HIS B 158 -27.52 0.32 14.06
C HIS B 158 -27.40 1.82 14.07
N GLY B 159 -26.28 2.34 13.63
CA GLY B 159 -26.01 3.74 13.45
C GLY B 159 -25.58 3.83 11.94
N PHE B 160 -26.45 4.29 11.11
CA PHE B 160 -26.14 4.36 9.68
C PHE B 160 -25.47 5.70 9.27
N TYR B 161 -24.28 5.64 8.71
CA TYR B 161 -23.58 6.84 8.24
C TYR B 161 -24.52 7.74 7.48
N PRO B 162 -24.50 9.03 7.65
CA PRO B 162 -23.55 9.74 8.47
C PRO B 162 -23.87 9.88 9.95
N ALA B 163 -24.86 9.15 10.45
CA ALA B 163 -25.19 9.18 11.87
C ALA B 163 -24.47 8.04 12.60
N GLY B 164 -24.30 8.35 13.88
CA GLY B 164 -23.72 7.41 14.87
C GLY B 164 -24.98 6.91 15.54
N GLY B 165 -24.99 6.60 16.83
CA GLY B 165 -26.30 6.18 17.41
C GLY B 165 -26.32 4.68 17.57
N GLY B 166 -25.51 3.91 16.79
CA GLY B 166 -25.56 2.47 16.98
C GLY B 166 -24.80 2.07 18.21
N VAL B 167 -24.96 0.84 18.68
CA VAL B 167 -24.40 0.22 19.81
C VAL B 167 -24.03 -1.21 19.49
N VAL B 168 -22.78 -1.53 19.75
CA VAL B 168 -22.31 -2.92 19.61
C VAL B 168 -21.79 -3.37 20.94
N ALA B 169 -22.00 -4.64 21.28
CA ALA B 169 -21.53 -5.24 22.48
C ALA B 169 -20.84 -6.54 22.21
N THR B 170 -19.62 -6.71 22.65
CA THR B 170 -18.94 -7.97 22.59
C THR B 170 -18.55 -8.59 23.90
N GLU B 171 -18.72 -9.87 24.14
CA GLU B 171 -18.19 -10.66 25.21
C GLU B 171 -17.01 -11.49 24.77
N VAL B 172 -15.94 -11.55 25.56
CA VAL B 172 -14.72 -12.25 25.32
C VAL B 172 -14.30 -13.01 26.54
N SER B 173 -13.64 -14.12 26.35
CA SER B 173 -13.00 -14.98 27.28
C SER B 173 -11.54 -15.11 26.80
N PRO B 174 -10.61 -15.20 27.74
CA PRO B 174 -9.21 -15.26 27.39
C PRO B 174 -9.02 -16.55 26.62
N VAL B 175 -8.14 -16.68 25.70
CA VAL B 175 -7.88 -17.94 25.00
C VAL B 175 -7.21 -18.97 25.86
N ALA B 176 -7.57 -20.22 25.87
CA ALA B 176 -6.86 -21.25 26.62
C ALA B 176 -5.77 -21.90 25.77
N SER B 177 -6.09 -22.04 24.49
CA SER B 177 -5.26 -22.73 23.51
C SER B 177 -5.61 -22.36 22.08
N PHE B 178 -4.63 -22.03 21.28
CA PHE B 178 -4.81 -21.68 19.88
C PHE B 178 -4.92 -22.94 19.01
N ASN B 179 -5.56 -22.84 17.86
CA ASN B 179 -5.59 -24.00 16.94
C ASN B 179 -5.11 -23.53 15.57
N THR B 180 -4.61 -24.54 14.82
CA THR B 180 -4.16 -24.22 13.46
C THR B 180 -5.33 -24.17 12.50
N LEU B 181 -5.67 -23.05 11.94
CA LEU B 181 -6.76 -23.00 10.97
C LEU B 181 -6.19 -23.18 9.56
N GLN B 182 -6.69 -24.10 8.76
CA GLN B 182 -6.19 -24.20 7.37
C GLN B 182 -7.27 -24.03 6.33
N LEU B 183 -7.28 -22.91 5.61
CA LEU B 183 -8.24 -22.72 4.54
C LEU B 183 -7.50 -22.85 3.21
N GLY B 184 -7.85 -23.78 2.33
CA GLY B 184 -7.23 -23.85 1.01
C GLY B 184 -8.26 -23.22 0.09
N GLU B 185 -8.93 -24.06 -0.61
CA GLU B 185 -10.03 -23.96 -1.50
C GLU B 185 -11.35 -23.71 -0.85
N ARG B 186 -12.27 -22.93 -1.47
CA ARG B 186 -13.57 -22.78 -0.87
C ARG B 186 -14.33 -24.09 -0.65
N GLY B 187 -14.09 -25.09 -1.45
CA GLY B 187 -14.92 -26.26 -1.49
C GLY B 187 -16.14 -25.77 -2.33
N ASN B 188 -17.08 -26.70 -2.40
CA ASN B 188 -18.33 -26.56 -3.11
C ASN B 188 -19.38 -25.66 -2.47
N ILE B 189 -20.18 -25.05 -3.34
CA ILE B 189 -21.21 -24.17 -2.86
C ILE B 189 -22.10 -25.00 -1.97
N VAL B 190 -22.67 -24.43 -0.92
CA VAL B 190 -23.61 -25.11 -0.09
C VAL B 190 -24.92 -24.32 -0.21
N GLN B 191 -24.91 -23.00 -0.01
CA GLN B 191 -26.18 -22.26 -0.09
C GLN B 191 -25.83 -20.80 -0.23
N MET B 192 -26.71 -19.94 -0.68
CA MET B 192 -26.48 -18.53 -0.78
C MET B 192 -27.66 -17.88 -0.14
N ARG B 193 -27.50 -16.85 0.74
CA ARG B 193 -28.63 -16.18 1.36
C ARG B 193 -28.46 -14.68 1.28
N GLY B 194 -29.57 -14.05 0.98
CA GLY B 194 -29.71 -12.64 0.72
C GLY B 194 -30.48 -12.05 1.93
N GLU B 195 -30.15 -10.79 2.21
CA GLU B 195 -30.81 -10.11 3.35
C GLU B 195 -30.77 -8.62 3.19
N VAL B 196 -31.84 -7.93 3.60
CA VAL B 196 -31.76 -6.49 3.45
C VAL B 196 -32.24 -6.05 4.87
N LEU B 197 -31.50 -5.07 5.30
CA LEU B 197 -31.86 -4.32 6.53
C LEU B 197 -32.45 -2.98 6.15
N LEU B 198 -33.59 -2.58 6.68
CA LEU B 198 -34.07 -1.25 6.34
C LEU B 198 -34.27 -0.36 7.58
N ALA B 199 -34.15 0.94 7.51
CA ALA B 199 -34.58 1.83 8.64
C ALA B 199 -35.05 3.10 8.01
N GLY B 200 -36.37 3.28 7.99
CA GLY B 200 -37.05 4.40 7.47
C GLY B 200 -36.91 4.58 5.98
N VAL B 201 -36.91 3.48 5.26
CA VAL B 201 -36.77 3.36 3.80
C VAL B 201 -37.86 2.38 3.40
N PRO B 202 -38.64 2.76 2.37
CA PRO B 202 -39.76 1.96 1.91
C PRO B 202 -39.44 0.51 1.75
N ARG B 203 -40.36 -0.41 1.93
CA ARG B 203 -40.11 -1.84 1.79
C ARG B 203 -39.88 -2.15 0.30
N HIS B 204 -40.41 -1.29 -0.58
CA HIS B 204 -40.25 -1.58 -2.00
C HIS B 204 -38.77 -1.63 -2.35
N VAL B 205 -37.97 -0.77 -1.73
CA VAL B 205 -36.54 -0.73 -1.92
C VAL B 205 -35.95 -2.08 -1.55
N ALA B 206 -36.41 -2.73 -0.50
CA ALA B 206 -35.82 -3.99 -0.08
C ALA B 206 -36.21 -5.05 -1.14
N GLU B 207 -37.50 -5.04 -1.47
CA GLU B 207 -38.01 -5.96 -2.50
C GLU B 207 -37.22 -5.85 -3.79
N ARG B 208 -37.02 -4.63 -4.29
CA ARG B 208 -36.19 -4.42 -5.45
C ARG B 208 -34.83 -5.04 -5.30
N GLU B 209 -34.21 -4.82 -4.12
CA GLU B 209 -32.86 -5.28 -3.85
C GLU B 209 -32.85 -6.80 -3.84
N ILE B 210 -33.75 -7.47 -3.19
CA ILE B 210 -33.76 -8.93 -3.17
C ILE B 210 -33.97 -9.49 -4.60
N ALA B 211 -34.90 -8.91 -5.31
CA ALA B 211 -35.21 -9.25 -6.74
C ALA B 211 -34.00 -9.01 -7.60
N THR B 212 -33.14 -8.01 -7.45
CA THR B 212 -31.90 -7.97 -8.23
C THR B 212 -30.97 -9.10 -7.79
N LEU B 213 -30.86 -9.38 -6.50
CA LEU B 213 -29.91 -10.49 -6.14
C LEU B 213 -30.41 -11.79 -6.79
N ALA B 214 -31.72 -12.00 -6.76
CA ALA B 214 -32.45 -13.14 -7.23
C ALA B 214 -32.26 -13.34 -8.75
N GLY B 215 -31.98 -12.27 -9.43
CA GLY B 215 -31.71 -12.18 -10.83
C GLY B 215 -30.32 -12.76 -11.07
N SER B 216 -29.34 -12.67 -10.16
CA SER B 216 -28.10 -13.35 -10.52
C SER B 216 -27.91 -14.61 -9.73
N PHE B 217 -28.62 -14.84 -8.62
CA PHE B 217 -28.16 -16.03 -7.88
C PHE B 217 -29.39 -16.79 -7.44
N SER B 218 -29.22 -18.04 -7.08
CA SER B 218 -30.29 -18.78 -6.45
C SER B 218 -30.24 -18.55 -4.93
N LEU B 219 -31.20 -17.83 -4.41
CA LEU B 219 -31.23 -17.61 -2.96
C LEU B 219 -31.99 -18.65 -2.17
N HIS B 220 -31.33 -19.29 -1.24
CA HIS B 220 -31.89 -20.26 -0.31
C HIS B 220 -32.83 -19.55 0.67
N GLU B 221 -32.51 -18.31 1.04
CA GLU B 221 -33.37 -17.49 1.89
C GLU B 221 -33.19 -16.05 1.39
N GLN B 222 -34.13 -15.20 1.62
CA GLN B 222 -34.23 -13.84 1.17
C GLN B 222 -34.81 -12.92 2.26
N ASN B 223 -34.25 -12.80 3.44
CA ASN B 223 -34.87 -11.99 4.48
C ASN B 223 -34.82 -10.48 4.35
N ILE B 224 -35.87 -9.83 4.84
CA ILE B 224 -36.01 -8.40 4.90
C ILE B 224 -36.28 -8.04 6.39
N HIS B 225 -35.45 -7.18 6.93
CA HIS B 225 -35.48 -6.78 8.34
C HIS B 225 -35.73 -5.29 8.43
N ASN B 226 -36.81 -4.89 8.96
CA ASN B 226 -37.17 -3.50 9.10
C ASN B 226 -36.80 -3.10 10.57
N LEU B 227 -36.08 -2.01 10.71
CA LEU B 227 -35.73 -1.46 12.00
C LEU B 227 -36.62 -0.27 12.29
N PRO B 228 -36.71 0.13 13.55
CA PRO B 228 -37.50 1.33 13.89
C PRO B 228 -37.12 2.52 13.13
N ARG B 229 -37.93 3.52 12.76
CA ARG B 229 -37.48 4.69 12.03
C ARG B 229 -36.33 5.39 12.78
N ASP B 230 -36.39 5.27 14.14
CA ASP B 230 -35.39 5.70 15.02
C ASP B 230 -33.98 5.63 14.60
N GLN B 231 -33.63 4.42 14.13
CA GLN B 231 -32.27 4.17 13.70
C GLN B 231 -32.01 4.54 12.24
N GLY B 232 -32.87 5.20 11.49
CA GLY B 232 -32.51 5.47 10.08
C GLY B 232 -32.32 6.93 9.80
N PRO B 233 -32.21 7.32 8.52
CA PRO B 233 -32.32 6.41 7.41
C PRO B 233 -31.15 5.52 7.15
N GLY B 234 -31.43 4.27 6.71
CA GLY B 234 -30.34 3.34 6.41
C GLY B 234 -30.82 2.14 5.61
N ASN B 235 -29.90 1.52 4.88
CA ASN B 235 -30.28 0.32 4.07
C ASN B 235 -28.99 -0.44 3.78
N THR B 236 -28.84 -1.63 4.32
CA THR B 236 -27.73 -2.51 4.22
C THR B 236 -28.15 -3.80 3.47
N VAL B 237 -27.43 -4.15 2.38
CA VAL B 237 -27.93 -5.36 1.67
C VAL B 237 -26.80 -6.30 1.83
N SER B 238 -27.02 -7.56 2.04
CA SER B 238 -25.87 -8.43 2.17
C SER B 238 -26.15 -9.80 1.51
N LEU B 239 -25.14 -10.50 1.14
CA LEU B 239 -25.26 -11.78 0.49
C LEU B 239 -24.25 -12.74 1.06
N GLU B 240 -24.72 -13.81 1.66
CA GLU B 240 -23.85 -14.86 2.19
C GLU B 240 -23.72 -16.08 1.25
N VAL B 241 -22.52 -16.51 1.07
CA VAL B 241 -22.01 -17.58 0.34
C VAL B 241 -21.40 -18.58 1.33
N GLU B 242 -22.20 -19.61 1.67
CA GLU B 242 -21.68 -20.68 2.49
C GLU B 242 -21.19 -21.76 1.53
N SER B 243 -19.92 -22.13 1.57
CA SER B 243 -19.28 -23.15 0.91
C SER B 243 -18.97 -24.18 1.97
N GLU B 244 -18.51 -25.35 1.53
CA GLU B 244 -18.23 -26.39 2.50
C GLU B 244 -17.24 -25.95 3.57
N ASN B 245 -16.16 -25.27 3.19
CA ASN B 245 -15.03 -25.08 4.12
C ASN B 245 -14.99 -23.66 4.69
N ILE B 246 -15.84 -22.76 4.22
CA ILE B 246 -15.86 -21.36 4.60
C ILE B 246 -17.19 -20.75 4.20
N THR B 247 -17.59 -19.80 5.05
CA THR B 247 -18.73 -18.96 4.82
C THR B 247 -18.34 -17.51 4.69
N GLU B 248 -18.78 -16.81 3.66
CA GLU B 248 -18.46 -15.38 3.56
C GLU B 248 -19.77 -14.63 3.47
N ARG B 249 -19.75 -13.35 3.72
CA ARG B 249 -20.90 -12.49 3.65
C ARG B 249 -20.39 -11.17 3.13
N PHE B 250 -20.98 -10.58 2.13
CA PHE B 250 -20.50 -9.37 1.50
C PHE B 250 -21.64 -8.42 1.69
N PHE B 251 -21.35 -7.16 1.85
CA PHE B 251 -22.39 -6.19 2.19
C PHE B 251 -22.27 -4.95 1.40
N VAL B 252 -23.29 -4.15 1.23
CA VAL B 252 -23.17 -2.86 0.61
C VAL B 252 -24.01 -1.96 1.57
N VAL B 253 -23.61 -0.76 1.80
CA VAL B 253 -24.52 0.09 2.66
C VAL B 253 -25.08 1.11 1.66
N GLY B 254 -26.35 1.19 1.47
CA GLY B 254 -26.88 2.07 0.43
C GLY B 254 -26.58 3.50 0.81
N GLU B 255 -26.24 4.29 -0.18
CA GLU B 255 -25.85 5.68 -0.07
C GLU B 255 -27.11 6.49 -0.29
N LYS B 256 -27.09 7.67 0.31
CA LYS B 256 -28.25 8.57 0.23
C LYS B 256 -29.04 8.53 -1.07
N ARG B 257 -28.63 9.12 -2.19
CA ARG B 257 -29.50 9.07 -3.38
C ARG B 257 -28.98 8.10 -4.43
N VAL B 258 -29.12 6.80 -4.14
CA VAL B 258 -28.65 5.71 -4.95
C VAL B 258 -29.79 4.68 -5.04
N SER B 259 -30.17 4.39 -6.26
CA SER B 259 -31.21 3.42 -6.56
C SER B 259 -30.98 2.07 -5.88
N ALA B 260 -32.13 1.42 -5.64
CA ALA B 260 -32.17 0.07 -5.13
C ALA B 260 -31.27 -0.86 -5.96
N GLU B 261 -31.59 -0.87 -7.27
CA GLU B 261 -30.92 -1.67 -8.29
C GLU B 261 -29.43 -1.41 -8.35
N VAL B 262 -29.00 -0.16 -8.28
CA VAL B 262 -27.60 0.19 -8.27
C VAL B 262 -26.96 -0.26 -6.96
N VAL B 263 -27.77 -0.27 -5.86
CA VAL B 263 -27.12 -0.74 -4.61
C VAL B 263 -26.86 -2.23 -4.79
N ALA B 264 -27.93 -2.93 -5.15
CA ALA B 264 -27.89 -4.37 -5.29
C ALA B 264 -26.88 -4.77 -6.33
N ALA B 265 -26.73 -4.04 -7.48
CA ALA B 265 -25.77 -4.47 -8.53
C ALA B 265 -24.35 -4.36 -8.02
N GLN B 266 -24.10 -3.38 -7.11
CA GLN B 266 -22.72 -3.26 -6.51
C GLN B 266 -22.36 -4.51 -5.75
N LEU B 267 -23.32 -5.05 -5.03
CA LEU B 267 -23.26 -6.24 -4.23
C LEU B 267 -23.13 -7.48 -5.13
N VAL B 268 -23.96 -7.56 -6.17
CA VAL B 268 -23.77 -8.72 -7.12
C VAL B 268 -22.34 -8.73 -7.62
N LYS B 269 -21.84 -7.61 -8.09
CA LYS B 269 -20.44 -7.43 -8.49
C LYS B 269 -19.34 -7.88 -7.55
N GLU B 270 -19.50 -7.51 -6.23
CA GLU B 270 -18.51 -8.01 -5.26
C GLU B 270 -18.69 -9.51 -5.10
N VAL B 271 -19.92 -10.02 -5.12
CA VAL B 271 -20.04 -11.49 -4.99
C VAL B 271 -19.46 -12.26 -6.22
N LYS B 272 -19.79 -11.73 -7.41
CA LYS B 272 -19.21 -12.45 -8.62
C LYS B 272 -17.69 -12.33 -8.59
N ARG B 273 -17.16 -11.19 -8.08
CA ARG B 273 -15.70 -11.10 -7.97
C ARG B 273 -15.12 -12.19 -7.12
N TYR B 274 -15.72 -12.47 -5.96
CA TYR B 274 -15.21 -13.46 -5.04
C TYR B 274 -15.36 -14.83 -5.70
N LEU B 275 -16.50 -14.96 -6.42
CA LEU B 275 -16.70 -16.27 -7.11
C LEU B 275 -15.94 -16.30 -8.46
N ALA B 276 -15.10 -15.33 -8.82
CA ALA B 276 -14.29 -15.39 -10.06
C ALA B 276 -12.93 -15.95 -9.75
N SER B 277 -12.69 -16.31 -8.51
CA SER B 277 -11.40 -16.89 -8.15
C SER B 277 -11.64 -18.07 -7.31
N THR B 278 -10.84 -19.05 -7.09
CA THR B 278 -11.09 -20.11 -6.18
C THR B 278 -10.59 -19.76 -4.73
N ALA B 279 -10.08 -18.58 -4.46
CA ALA B 279 -9.70 -18.29 -3.03
C ALA B 279 -10.86 -18.48 -2.07
N ALA B 280 -10.60 -18.90 -0.85
CA ALA B 280 -11.57 -19.05 0.21
C ALA B 280 -12.02 -17.72 0.80
N VAL B 281 -11.10 -16.71 0.84
CA VAL B 281 -11.52 -15.48 1.54
C VAL B 281 -11.36 -14.24 0.76
N GLY B 282 -12.25 -13.29 0.80
CA GLY B 282 -12.08 -11.98 0.24
C GLY B 282 -10.94 -11.15 0.96
N GLU B 283 -10.59 -10.07 0.31
CA GLU B 283 -9.44 -9.24 0.77
C GLU B 283 -9.57 -8.75 2.22
N TYR B 284 -10.75 -8.19 2.51
CA TYR B 284 -11.04 -7.70 3.87
C TYR B 284 -10.85 -8.75 4.91
N LEU B 285 -11.46 -9.94 4.70
CA LEU B 285 -11.33 -11.00 5.69
C LEU B 285 -9.95 -11.53 5.87
N ALA B 286 -9.15 -11.70 4.82
CA ALA B 286 -7.78 -12.11 4.91
C ALA B 286 -6.95 -11.12 5.82
N ASP B 287 -7.18 -9.88 5.77
CA ASP B 287 -6.62 -8.80 6.56
C ASP B 287 -6.96 -9.05 8.02
N GLN B 288 -8.16 -9.58 8.33
CA GLN B 288 -8.49 -9.96 9.68
C GLN B 288 -7.93 -11.26 10.17
N LEU B 289 -7.47 -12.22 9.33
CA LEU B 289 -6.99 -13.42 9.97
C LEU B 289 -5.50 -13.36 10.23
N VAL B 290 -4.81 -12.38 9.65
CA VAL B 290 -3.31 -12.34 9.87
C VAL B 290 -2.92 -12.43 11.34
N LEU B 291 -3.57 -11.49 12.10
CA LEU B 291 -3.17 -11.48 13.59
C LEU B 291 -3.46 -12.70 14.34
N PRO B 292 -4.71 -13.21 14.23
CA PRO B 292 -5.09 -14.43 14.94
C PRO B 292 -4.33 -15.64 14.61
N MET B 293 -3.86 -15.82 13.35
CA MET B 293 -3.05 -17.00 13.04
C MET B 293 -1.62 -16.81 13.48
N ALA B 294 -1.17 -15.56 13.30
CA ALA B 294 0.19 -15.30 13.88
C ALA B 294 0.16 -15.71 15.36
N LEU B 295 -0.89 -15.36 16.08
CA LEU B 295 -0.89 -15.72 17.54
C LEU B 295 -0.95 -17.19 17.82
N ALA B 296 -1.61 -17.93 16.90
CA ALA B 296 -1.67 -19.38 17.09
C ALA B 296 -0.32 -19.95 16.69
N GLY B 297 0.42 -19.20 15.86
CA GLY B 297 1.73 -19.66 15.46
C GLY B 297 1.72 -20.53 14.20
N ALA B 298 0.58 -20.73 13.59
CA ALA B 298 0.50 -21.62 12.41
C ALA B 298 -0.83 -21.38 11.72
N GLY B 299 -0.98 -21.60 10.41
CA GLY B 299 -2.31 -21.42 9.81
C GLY B 299 -2.16 -21.00 8.35
N GLU B 300 -3.20 -21.17 7.53
CA GLU B 300 -3.06 -20.66 6.16
C GLU B 300 -4.42 -20.33 5.57
N PHE B 301 -4.49 -19.50 4.55
CA PHE B 301 -5.69 -19.19 3.84
C PHE B 301 -5.30 -18.83 2.39
N THR B 302 -6.34 -18.66 1.56
CA THR B 302 -6.05 -18.29 0.17
C THR B 302 -6.91 -17.05 -0.05
N VAL B 303 -6.33 -16.13 -0.79
CA VAL B 303 -7.00 -14.90 -1.04
C VAL B 303 -6.73 -14.66 -2.51
N ALA B 304 -7.56 -13.98 -3.28
CA ALA B 304 -7.27 -13.92 -4.70
C ALA B 304 -5.92 -13.26 -4.95
N HIS B 305 -5.76 -12.07 -4.38
CA HIS B 305 -4.60 -11.22 -4.61
C HIS B 305 -4.08 -10.62 -3.32
N PRO B 306 -2.80 -10.47 -3.14
CA PRO B 306 -2.22 -9.76 -2.00
C PRO B 306 -2.58 -8.29 -2.07
N SER B 307 -3.02 -7.62 -1.03
CA SER B 307 -3.26 -6.18 -1.17
C SER B 307 -2.28 -5.45 -0.23
N CYS B 308 -2.15 -4.17 -0.38
CA CYS B 308 -1.41 -3.30 0.54
C CYS B 308 -1.83 -3.43 1.99
N HIS B 309 -3.15 -3.42 2.22
CA HIS B 309 -3.57 -3.65 3.61
C HIS B 309 -2.97 -4.93 4.14
N LEU B 310 -3.04 -6.07 3.38
CA LEU B 310 -2.57 -7.34 3.88
C LEU B 310 -1.07 -7.21 4.18
N LEU B 311 -0.32 -6.58 3.25
CA LEU B 311 1.13 -6.48 3.50
C LEU B 311 1.40 -5.68 4.83
N THR B 312 0.71 -4.59 5.04
CA THR B 312 0.87 -3.71 6.20
C THR B 312 0.60 -4.47 7.50
N ASN B 313 -0.54 -5.19 7.51
CA ASN B 313 -0.78 -6.04 8.66
C ASN B 313 0.29 -7.06 8.96
N ILE B 314 0.75 -7.78 7.90
CA ILE B 314 1.81 -8.76 8.08
C ILE B 314 3.11 -8.02 8.57
N ALA B 315 3.50 -6.94 7.95
CA ALA B 315 4.77 -6.31 8.49
C ALA B 315 4.61 -5.80 9.96
N VAL B 316 3.48 -5.21 10.37
CA VAL B 316 3.38 -4.79 11.78
C VAL B 316 3.44 -5.98 12.68
N VAL B 317 2.74 -7.08 12.29
CA VAL B 317 2.73 -8.32 13.05
C VAL B 317 4.11 -8.90 13.21
N GLU B 318 4.91 -9.00 12.12
CA GLU B 318 6.25 -9.56 12.23
C GLU B 318 7.21 -8.64 13.06
N ARG B 319 6.94 -7.38 13.25
CA ARG B 319 7.75 -6.56 14.18
C ARG B 319 7.54 -6.99 15.62
N PHE B 320 6.38 -7.51 16.09
CA PHE B 320 6.10 -7.85 17.43
C PHE B 320 6.11 -9.30 17.78
N LEU B 321 5.89 -10.14 16.74
CA LEU B 321 5.73 -11.58 17.03
C LEU B 321 6.74 -12.41 16.30
N PRO B 322 7.26 -13.50 16.82
CA PRO B 322 8.32 -14.30 16.25
C PRO B 322 7.78 -15.28 15.19
N VAL B 323 7.23 -14.72 14.11
CA VAL B 323 6.59 -15.46 13.04
C VAL B 323 6.97 -14.73 11.72
N ARG B 324 6.90 -15.47 10.66
CA ARG B 324 7.11 -15.07 9.30
C ARG B 324 6.02 -15.68 8.39
N PHE B 325 5.40 -14.84 7.63
CA PHE B 325 4.41 -15.18 6.67
C PHE B 325 5.04 -15.48 5.29
N SER B 326 4.48 -16.48 4.62
CA SER B 326 4.94 -16.74 3.25
C SER B 326 3.77 -16.46 2.30
N LEU B 327 4.04 -15.94 1.14
CA LEU B 327 3.05 -15.61 0.16
C LEU B 327 3.43 -16.32 -1.14
N ILE B 328 2.58 -17.25 -1.58
CA ILE B 328 2.77 -17.93 -2.83
C ILE B 328 1.55 -17.60 -3.72
N GLU B 329 1.69 -16.61 -4.57
CA GLU B 329 0.67 -16.14 -5.49
C GLU B 329 0.91 -16.76 -6.86
N THR B 330 0.10 -17.72 -7.29
CA THR B 330 0.43 -18.26 -8.60
C THR B 330 -0.58 -18.36 -9.71
N ASP B 331 -1.66 -19.08 -9.60
CA ASP B 331 -2.61 -19.35 -10.69
C ASP B 331 -3.92 -18.63 -10.42
N GLY B 332 -3.84 -17.29 -10.22
CA GLY B 332 -5.03 -16.55 -9.84
C GLY B 332 -5.38 -16.61 -8.34
N VAL B 333 -4.56 -17.20 -7.45
CA VAL B 333 -4.81 -17.23 -6.02
C VAL B 333 -3.51 -17.14 -5.18
N THR B 334 -3.61 -16.51 -4.01
CA THR B 334 -2.43 -16.46 -3.11
C THR B 334 -2.59 -17.31 -1.88
N ARG B 335 -1.69 -18.19 -1.56
CA ARG B 335 -1.69 -18.93 -0.35
C ARG B 335 -0.88 -18.04 0.68
N VAL B 336 -1.45 -17.76 1.80
CA VAL B 336 -0.82 -16.91 2.88
C VAL B 336 -0.61 -17.89 4.00
N SER B 337 0.55 -18.30 4.46
CA SER B 337 0.70 -19.25 5.54
C SER B 337 1.74 -18.69 6.55
N ILE B 338 1.65 -19.05 7.80
CA ILE B 338 2.48 -18.44 8.85
C ILE B 338 3.43 -19.51 9.34
N GLU B 339 4.67 -19.19 9.62
CA GLU B 339 5.59 -20.16 10.22
C GLU B 339 6.33 -19.49 11.40
#